data_1D01
#
_entry.id   1D01
#
_cell.length_a   91.300
_cell.length_b   110.400
_cell.length_c   91.300
_cell.angle_alpha   90.00
_cell.angle_beta   120.00
_cell.angle_gamma   90.00
#
_symmetry.space_group_name_H-M   'P 1 21 1'
#
loop_
_entity.id
_entity.type
_entity.pdbx_description
1 polymer 'TUMOR NECROSIS FACTOR RECEPTOR ASSOCIATED FACTOR 2'
2 polymer 'CD30 PEPTIDE'
3 water water
#
loop_
_entity_poly.entity_id
_entity_poly.type
_entity_poly.pdbx_seq_one_letter_code
_entity_poly.pdbx_strand_id
1 'polypeptide(L)'
;AMADLEQKVLEMEASTYDGVFIWKISDFPRKRQEAVAGRIPAIFSPAFYTSRYGYKMCLRIYLNGDGTGRGTHLSLFFVV
MKGPNDALLRWPFNQKVTLMLLDQNNREHVIDAFRPDVTSSSFQRPVNDMNIASGCPLFCPVSKMEAKNSYVRDDAIFIK
AIVDLTGL
;
A,B,C,D,E,F
2 'polypeptide(L)' (ACE)MLSVEEEG G,H,I
#
loop_
_chem_comp.id
_chem_comp.type
_chem_comp.name
_chem_comp.formula
ACE non-polymer 'ACETYL GROUP' 'C2 H4 O'
#
# COMPACT_ATOMS: atom_id res chain seq x y z
N ALA A 1 21.83 -28.21 5.67
CA ALA A 1 20.51 -27.78 6.21
C ALA A 1 20.01 -26.56 5.44
N MET A 2 19.49 -25.57 6.17
CA MET A 2 19.01 -24.35 5.54
C MET A 2 20.24 -23.49 5.29
N ALA A 3 21.15 -23.49 6.26
CA ALA A 3 22.38 -22.71 6.15
C ALA A 3 23.16 -23.18 4.92
N ASP A 4 22.89 -24.41 4.49
CA ASP A 4 23.55 -24.97 3.32
C ASP A 4 22.96 -24.32 2.08
N LEU A 5 21.63 -24.29 2.01
CA LEU A 5 20.94 -23.71 0.86
C LEU A 5 21.06 -22.19 0.89
N GLU A 6 20.96 -21.63 2.10
CA GLU A 6 21.08 -20.18 2.27
C GLU A 6 22.46 -19.74 1.77
N GLN A 7 23.46 -20.59 2.00
CA GLN A 7 24.81 -20.30 1.58
C GLN A 7 24.92 -20.35 0.05
N LYS A 8 24.29 -21.35 -0.55
CA LYS A 8 24.31 -21.51 -2.00
C LYS A 8 23.65 -20.31 -2.65
N VAL A 9 22.54 -19.86 -2.09
CA VAL A 9 21.82 -18.71 -2.61
C VAL A 9 22.71 -17.47 -2.52
N LEU A 10 23.40 -17.32 -1.39
CA LEU A 10 24.29 -16.19 -1.21
C LEU A 10 25.39 -16.19 -2.28
N GLU A 11 25.97 -17.35 -2.52
CA GLU A 11 27.04 -17.48 -3.51
C GLU A 11 26.55 -17.15 -4.91
N MET A 12 25.38 -17.67 -5.28
CA MET A 12 24.81 -17.44 -6.60
C MET A 12 24.54 -15.95 -6.81
N GLU A 13 24.01 -15.33 -5.78
CA GLU A 13 23.69 -13.91 -5.82
C GLU A 13 24.91 -13.03 -6.09
N ALA A 14 26.08 -13.47 -5.62
CA ALA A 14 27.31 -12.70 -5.79
C ALA A 14 28.13 -13.08 -7.04
N SER A 15 27.91 -14.24 -7.60
CA SER A 15 28.68 -14.68 -8.76
C SER A 15 28.56 -13.77 -9.99
N THR A 16 29.65 -13.69 -10.75
CA THR A 16 29.68 -12.92 -11.98
C THR A 16 30.40 -13.83 -12.95
N TYR A 17 30.13 -13.70 -14.25
CA TYR A 17 30.77 -14.55 -15.24
C TYR A 17 31.51 -13.83 -16.37
N ASP A 18 32.11 -12.68 -16.07
CA ASP A 18 32.84 -11.93 -17.07
C ASP A 18 34.20 -11.49 -16.55
N GLY A 19 34.68 -12.13 -15.49
CA GLY A 19 35.98 -11.78 -14.96
C GLY A 19 36.09 -10.49 -14.17
N VAL A 20 34.96 -9.81 -13.95
CA VAL A 20 34.95 -8.57 -13.17
C VAL A 20 34.12 -8.80 -11.92
N PHE A 21 34.70 -8.45 -10.77
CA PHE A 21 34.03 -8.66 -9.50
C PHE A 21 34.22 -7.46 -8.59
N ILE A 22 33.15 -7.04 -7.93
CA ILE A 22 33.22 -5.93 -6.99
C ILE A 22 32.77 -6.49 -5.66
N TRP A 23 33.66 -6.45 -4.69
CA TRP A 23 33.41 -6.99 -3.36
C TRP A 23 33.19 -5.90 -2.32
N LYS A 24 31.94 -5.74 -1.87
CA LYS A 24 31.63 -4.74 -0.87
C LYS A 24 31.82 -5.35 0.52
N ILE A 25 32.68 -4.74 1.32
CA ILE A 25 32.90 -5.25 2.67
C ILE A 25 32.30 -4.26 3.66
N SER A 26 31.17 -4.65 4.26
CA SER A 26 30.48 -3.82 5.23
C SER A 26 30.99 -4.12 6.64
N ASP A 27 30.49 -3.39 7.63
CA ASP A 27 30.95 -3.56 9.02
C ASP A 27 32.47 -3.48 9.04
N PHE A 28 33.03 -2.61 8.21
CA PHE A 28 34.47 -2.47 8.11
C PHE A 28 35.22 -2.26 9.42
N PRO A 29 34.75 -1.32 10.23
CA PRO A 29 35.42 -1.02 11.49
C PRO A 29 35.56 -2.26 12.37
N ARG A 30 34.47 -2.98 12.55
CA ARG A 30 34.47 -4.19 13.38
C ARG A 30 35.41 -5.26 12.82
N LYS A 31 35.28 -5.54 11.53
CA LYS A 31 36.14 -6.54 10.90
C LYS A 31 37.61 -6.11 10.97
N ARG A 32 37.84 -4.81 10.87
CA ARG A 32 39.19 -4.27 10.92
C ARG A 32 39.75 -4.59 12.31
N GLN A 33 38.93 -4.40 13.34
CA GLN A 33 39.37 -4.68 14.70
C GLN A 33 39.63 -6.17 14.90
N GLU A 34 38.75 -7.00 14.38
CA GLU A 34 38.90 -8.45 14.52
C GLU A 34 40.20 -8.91 13.90
N ALA A 35 40.68 -8.16 12.92
CA ALA A 35 41.95 -8.48 12.25
C ALA A 35 43.09 -8.02 13.14
N VAL A 36 43.04 -6.76 13.55
CA VAL A 36 44.07 -6.18 14.42
C VAL A 36 44.22 -7.00 15.70
N ALA A 37 43.08 -7.46 16.22
CA ALA A 37 43.05 -8.26 17.43
C ALA A 37 43.60 -9.66 17.17
N GLY A 38 43.68 -10.05 15.90
CA GLY A 38 44.19 -11.36 15.56
C GLY A 38 43.15 -12.47 15.66
N ARG A 39 41.89 -12.11 15.89
CA ARG A 39 40.84 -13.12 15.99
C ARG A 39 40.50 -13.67 14.61
N ILE A 40 40.32 -12.77 13.66
CA ILE A 40 39.99 -13.13 12.29
C ILE A 40 40.89 -12.33 11.35
N PRO A 41 42.12 -12.82 11.12
CA PRO A 41 43.06 -12.13 10.24
C PRO A 41 42.65 -12.02 8.78
N ALA A 42 41.97 -13.04 8.26
CA ALA A 42 41.57 -13.04 6.85
C ALA A 42 40.10 -13.32 6.56
N ILE A 43 39.67 -12.87 5.39
CA ILE A 43 38.29 -13.06 4.93
C ILE A 43 38.31 -13.47 3.46
N PHE A 44 37.47 -14.45 3.11
CA PHE A 44 37.35 -14.89 1.72
C PHE A 44 36.14 -14.23 1.12
N SER A 45 36.22 -13.88 -0.16
CA SER A 45 35.09 -13.27 -0.85
C SER A 45 34.33 -14.38 -1.55
N PRO A 46 33.11 -14.09 -2.03
CA PRO A 46 32.31 -15.07 -2.75
C PRO A 46 33.08 -15.37 -4.05
N ALA A 47 32.67 -16.41 -4.76
CA ALA A 47 33.36 -16.79 -5.99
C ALA A 47 32.80 -16.11 -7.24
N PHE A 48 33.64 -15.98 -8.26
CA PHE A 48 33.22 -15.38 -9.52
C PHE A 48 33.95 -16.12 -10.65
N TYR A 49 33.56 -15.89 -11.90
CA TYR A 49 34.16 -16.63 -13.01
C TYR A 49 34.60 -15.80 -14.21
N THR A 50 35.47 -16.37 -15.04
CA THR A 50 35.98 -15.68 -16.22
C THR A 50 34.97 -15.70 -17.38
N SER A 51 34.12 -16.72 -17.39
CA SER A 51 33.06 -16.88 -18.40
C SER A 51 32.01 -17.81 -17.80
N ARG A 52 30.88 -17.98 -18.47
CA ARG A 52 29.81 -18.83 -17.95
C ARG A 52 30.31 -20.18 -17.46
N TYR A 53 31.26 -20.78 -18.19
CA TYR A 53 31.81 -22.07 -17.80
C TYR A 53 33.33 -21.98 -17.69
N GLY A 54 33.82 -20.86 -17.17
CA GLY A 54 35.27 -20.66 -17.06
C GLY A 54 35.90 -20.97 -15.71
N TYR A 55 37.06 -20.39 -15.47
CA TYR A 55 37.77 -20.61 -14.21
C TYR A 55 36.97 -20.04 -13.04
N LYS A 56 37.07 -20.72 -11.89
CA LYS A 56 36.39 -20.29 -10.67
C LYS A 56 37.47 -19.65 -9.80
N MET A 57 37.18 -18.48 -9.24
CA MET A 57 38.17 -17.74 -8.46
C MET A 57 37.51 -16.97 -7.31
N CYS A 58 38.31 -16.58 -6.31
CA CYS A 58 37.79 -15.76 -5.23
C CYS A 58 38.95 -14.93 -4.72
N LEU A 59 38.67 -14.03 -3.78
CA LEU A 59 39.72 -13.19 -3.23
C LEU A 59 39.87 -13.46 -1.74
N ARG A 60 41.02 -13.09 -1.20
CA ARG A 60 41.25 -13.26 0.22
C ARG A 60 41.88 -11.97 0.68
N ILE A 61 41.33 -11.36 1.72
CA ILE A 61 41.90 -10.12 2.20
C ILE A 61 42.26 -10.19 3.68
N TYR A 62 43.32 -9.48 4.05
CA TYR A 62 43.79 -9.38 5.43
C TYR A 62 43.72 -7.89 5.75
N LEU A 63 42.72 -7.49 6.53
CA LEU A 63 42.57 -6.09 6.86
C LEU A 63 43.73 -5.50 7.66
N ASN A 64 44.50 -6.34 8.34
CA ASN A 64 45.64 -5.84 9.09
C ASN A 64 46.95 -6.46 8.58
N GLY A 65 46.91 -6.95 7.34
CA GLY A 65 48.11 -7.50 6.71
C GLY A 65 48.53 -8.94 6.95
N ASP A 66 49.35 -9.45 6.03
CA ASP A 66 49.87 -10.81 6.09
C ASP A 66 51.34 -10.78 5.68
N GLY A 67 52.11 -11.74 6.16
CA GLY A 67 53.52 -11.82 5.81
C GLY A 67 54.24 -10.48 5.90
N THR A 68 54.91 -10.11 4.81
CA THR A 68 55.66 -8.86 4.75
C THR A 68 54.82 -7.61 5.02
N GLY A 69 53.50 -7.76 5.03
CA GLY A 69 52.65 -6.61 5.28
C GLY A 69 51.96 -6.63 6.62
N ARG A 70 52.10 -7.74 7.33
CA ARG A 70 51.46 -7.90 8.64
C ARG A 70 51.61 -6.68 9.55
N GLY A 71 50.50 -6.06 9.90
CA GLY A 71 50.51 -4.91 10.76
C GLY A 71 50.73 -3.56 10.10
N THR A 72 51.28 -3.56 8.90
CA THR A 72 51.55 -2.29 8.21
C THR A 72 50.64 -2.02 7.01
N HIS A 73 50.27 -3.06 6.27
CA HIS A 73 49.42 -2.85 5.11
C HIS A 73 48.20 -3.75 5.07
N LEU A 74 47.35 -3.45 4.09
CA LEU A 74 46.17 -4.23 3.79
C LEU A 74 46.76 -5.21 2.77
N SER A 75 46.58 -6.50 2.99
CA SER A 75 47.10 -7.49 2.05
C SER A 75 45.92 -8.11 1.29
N LEU A 76 46.03 -8.17 -0.05
CA LEU A 76 44.95 -8.70 -0.86
C LEU A 76 45.47 -9.81 -1.76
N PHE A 77 44.79 -10.95 -1.77
CA PHE A 77 45.23 -12.06 -2.60
C PHE A 77 44.17 -12.60 -3.55
N PHE A 78 44.65 -13.26 -4.60
CA PHE A 78 43.81 -13.87 -5.64
C PHE A 78 43.87 -15.37 -5.44
N VAL A 79 42.74 -16.04 -5.59
CA VAL A 79 42.70 -17.48 -5.40
C VAL A 79 42.02 -18.23 -6.55
N VAL A 80 42.70 -19.24 -7.09
CA VAL A 80 42.11 -20.07 -8.14
C VAL A 80 41.46 -21.22 -7.38
N MET A 81 40.18 -21.45 -7.67
CA MET A 81 39.43 -22.51 -7.00
C MET A 81 39.11 -23.66 -7.94
N LYS A 82 38.79 -24.81 -7.38
CA LYS A 82 38.41 -25.95 -8.20
C LYS A 82 37.05 -25.56 -8.79
N GLY A 83 37.01 -25.47 -10.11
CA GLY A 83 35.78 -25.10 -10.80
C GLY A 83 35.11 -26.35 -11.36
N PRO A 84 33.80 -26.30 -11.63
CA PRO A 84 33.03 -27.44 -12.16
C PRO A 84 33.48 -27.91 -13.54
N ASN A 85 34.06 -27.00 -14.31
CA ASN A 85 34.49 -27.31 -15.66
C ASN A 85 35.98 -27.28 -15.88
N ASP A 86 36.76 -27.36 -14.80
CA ASP A 86 38.21 -27.33 -14.94
C ASP A 86 38.75 -28.26 -16.03
N ALA A 87 38.15 -29.43 -16.17
CA ALA A 87 38.58 -30.41 -17.17
C ALA A 87 38.59 -29.87 -18.61
N LEU A 88 37.81 -28.83 -18.87
CA LEU A 88 37.70 -28.24 -20.21
C LEU A 88 38.59 -27.01 -20.39
N LEU A 89 39.19 -26.54 -19.31
CA LEU A 89 40.04 -25.34 -19.34
C LEU A 89 41.53 -25.59 -19.52
N ARG A 90 42.25 -24.56 -19.94
CA ARG A 90 43.69 -24.67 -20.14
C ARG A 90 44.42 -24.42 -18.83
N TRP A 91 45.42 -25.24 -18.54
CA TRP A 91 46.21 -25.08 -17.33
C TRP A 91 47.69 -25.00 -17.68
N PRO A 92 48.46 -24.21 -16.91
CA PRO A 92 48.02 -23.42 -15.76
C PRO A 92 47.19 -22.20 -16.11
N PHE A 93 46.53 -21.66 -15.09
CA PHE A 93 45.74 -20.44 -15.23
C PHE A 93 46.82 -19.38 -15.44
N ASN A 94 46.70 -18.57 -16.49
CA ASN A 94 47.73 -17.57 -16.72
C ASN A 94 47.21 -16.21 -17.16
N GLN A 95 46.01 -15.84 -16.71
CA GLN A 95 45.44 -14.54 -17.07
C GLN A 95 45.95 -13.46 -16.11
N LYS A 96 46.23 -12.27 -16.67
CA LYS A 96 46.70 -11.14 -15.88
C LYS A 96 45.55 -10.71 -14.97
N VAL A 97 45.88 -10.37 -13.73
CA VAL A 97 44.86 -9.97 -12.78
C VAL A 97 45.13 -8.59 -12.19
N THR A 98 44.10 -7.76 -12.18
CA THR A 98 44.20 -6.41 -11.63
C THR A 98 43.33 -6.37 -10.38
N LEU A 99 43.91 -5.89 -9.28
CA LEU A 99 43.22 -5.78 -8.00
C LEU A 99 43.12 -4.32 -7.61
N MET A 100 41.96 -3.91 -7.10
CA MET A 100 41.75 -2.51 -6.75
C MET A 100 41.02 -2.28 -5.43
N LEU A 101 41.34 -1.15 -4.80
CA LEU A 101 40.67 -0.69 -3.58
C LEU A 101 40.09 0.61 -4.13
N LEU A 102 38.78 0.67 -4.23
CA LEU A 102 38.12 1.84 -4.81
C LEU A 102 37.99 3.08 -3.94
N ASP A 103 38.35 4.21 -4.52
CA ASP A 103 38.21 5.51 -3.86
C ASP A 103 36.75 5.89 -4.06
N GLN A 104 36.00 5.98 -2.98
CA GLN A 104 34.59 6.32 -3.09
C GLN A 104 34.36 7.78 -3.43
N ASN A 105 35.46 8.51 -3.59
CA ASN A 105 35.42 9.92 -3.95
C ASN A 105 35.76 9.90 -5.44
N ASN A 106 36.02 8.68 -5.94
CA ASN A 106 36.36 8.40 -7.33
C ASN A 106 37.37 9.34 -7.97
N ARG A 107 38.59 9.34 -7.43
CA ARG A 107 39.66 10.19 -7.95
C ARG A 107 41.00 9.45 -7.91
N GLU A 108 41.23 8.66 -6.88
CA GLU A 108 42.49 7.92 -6.76
C GLU A 108 42.32 6.52 -6.17
N HIS A 109 42.13 5.54 -7.04
CA HIS A 109 41.96 4.16 -6.59
C HIS A 109 43.32 3.52 -6.33
N VAL A 110 43.38 2.60 -5.38
CA VAL A 110 44.63 1.90 -5.14
C VAL A 110 44.56 0.77 -6.16
N ILE A 111 45.61 0.62 -6.95
CA ILE A 111 45.60 -0.41 -7.97
C ILE A 111 46.92 -1.12 -8.15
N ASP A 112 46.84 -2.42 -8.39
CA ASP A 112 48.03 -3.20 -8.62
C ASP A 112 47.58 -4.32 -9.54
N ALA A 113 48.52 -4.93 -10.23
CA ALA A 113 48.21 -6.00 -11.14
C ALA A 113 49.37 -6.96 -11.16
N PHE A 114 49.11 -8.21 -11.54
CA PHE A 114 50.18 -9.16 -11.58
C PHE A 114 49.98 -10.18 -12.70
N ARG A 115 51.08 -10.81 -13.06
CA ARG A 115 51.12 -11.84 -14.08
C ARG A 115 51.33 -13.16 -13.40
N PRO A 116 50.36 -14.06 -13.49
CA PRO A 116 50.53 -15.36 -12.84
C PRO A 116 51.79 -16.00 -13.39
N ASP A 117 52.53 -16.70 -12.54
CA ASP A 117 53.75 -17.37 -12.99
C ASP A 117 53.39 -18.80 -13.37
N VAL A 118 53.63 -19.16 -14.63
CA VAL A 118 53.31 -20.51 -15.08
C VAL A 118 53.98 -21.61 -14.25
N THR A 119 54.96 -21.26 -13.43
CA THR A 119 55.64 -22.26 -12.61
C THR A 119 55.12 -22.34 -11.17
N SER A 120 54.24 -21.41 -10.78
CA SER A 120 53.69 -21.42 -9.42
C SER A 120 52.58 -22.45 -9.25
N SER A 121 52.58 -23.12 -8.11
CA SER A 121 51.57 -24.13 -7.82
C SER A 121 50.22 -23.43 -7.62
N SER A 122 50.24 -22.11 -7.46
CA SER A 122 49.02 -21.34 -7.26
C SER A 122 48.14 -21.36 -8.50
N PHE A 123 48.71 -21.70 -9.65
CA PHE A 123 47.92 -21.68 -10.87
C PHE A 123 47.76 -22.99 -11.60
N GLN A 124 48.12 -24.08 -10.95
CA GLN A 124 47.99 -25.39 -11.58
C GLN A 124 46.52 -25.83 -11.43
N ARG A 125 46.11 -26.88 -12.15
CA ARG A 125 44.73 -27.31 -12.01
C ARG A 125 44.50 -27.71 -10.57
N PRO A 126 43.46 -27.16 -9.94
CA PRO A 126 43.13 -27.46 -8.53
C PRO A 126 42.88 -28.92 -8.22
N VAL A 127 43.44 -29.36 -7.11
CA VAL A 127 43.27 -30.72 -6.60
C VAL A 127 42.38 -30.56 -5.38
N ASN A 128 42.66 -29.52 -4.60
CA ASN A 128 41.89 -29.21 -3.41
C ASN A 128 40.85 -28.17 -3.84
N ASP A 129 40.00 -27.75 -2.91
CA ASP A 129 38.96 -26.77 -3.22
C ASP A 129 39.57 -25.44 -3.65
N MET A 130 40.73 -25.11 -3.09
CA MET A 130 41.43 -23.86 -3.38
C MET A 130 42.94 -24.04 -3.50
N ASN A 131 43.55 -23.41 -4.50
CA ASN A 131 45.01 -23.46 -4.63
C ASN A 131 45.57 -22.43 -3.66
N ILE A 132 46.89 -22.43 -3.51
CA ILE A 132 47.57 -21.47 -2.64
C ILE A 132 47.26 -20.09 -3.22
N ALA A 133 46.96 -19.12 -2.36
CA ALA A 133 46.65 -17.79 -2.85
C ALA A 133 47.93 -17.05 -3.23
N SER A 134 47.82 -16.06 -4.09
CA SER A 134 48.97 -15.27 -4.47
C SER A 134 48.47 -13.87 -4.77
N GLY A 135 49.31 -12.86 -4.55
CA GLY A 135 48.86 -11.52 -4.81
C GLY A 135 49.72 -10.41 -4.27
N CYS A 136 49.09 -9.50 -3.50
CA CYS A 136 49.79 -8.33 -2.99
C CYS A 136 49.87 -8.19 -1.47
N PRO A 137 50.97 -8.67 -0.86
CA PRO A 137 51.12 -8.56 0.60
C PRO A 137 51.19 -7.11 1.06
N LEU A 138 51.69 -6.25 0.18
CA LEU A 138 51.84 -4.82 0.47
C LEU A 138 50.92 -4.00 -0.42
N PHE A 139 49.68 -4.47 -0.57
CA PHE A 139 48.70 -3.82 -1.43
C PHE A 139 48.41 -2.36 -1.10
N CYS A 140 48.16 -2.08 0.18
CA CYS A 140 47.83 -0.71 0.60
C CYS A 140 48.20 -0.40 2.05
N PRO A 141 48.92 0.71 2.28
CA PRO A 141 49.33 1.11 3.63
C PRO A 141 48.10 1.34 4.50
N VAL A 142 48.05 0.71 5.66
CA VAL A 142 46.91 0.86 6.55
C VAL A 142 46.57 2.33 6.77
N SER A 143 47.57 3.18 6.71
CA SER A 143 47.38 4.62 6.90
C SER A 143 46.54 5.21 5.79
N LYS A 144 46.93 4.93 4.54
CA LYS A 144 46.21 5.45 3.39
C LYS A 144 44.72 5.21 3.55
N MET A 145 44.26 4.00 3.24
CA MET A 145 42.85 3.70 3.42
C MET A 145 42.63 3.59 4.92
N GLU A 146 41.61 2.85 5.33
CA GLU A 146 41.31 2.64 6.75
C GLU A 146 41.31 3.91 7.60
N ALA A 147 42.51 4.43 7.89
CA ALA A 147 42.70 5.63 8.72
C ALA A 147 41.87 6.85 8.32
N LYS A 148 40.88 6.64 7.47
CA LYS A 148 39.96 7.68 6.97
C LYS A 148 40.03 7.80 5.45
N ASN A 149 40.40 8.97 4.97
CA ASN A 149 40.48 9.21 3.54
C ASN A 149 39.13 8.90 2.91
N SER A 150 39.11 8.65 1.60
CA SER A 150 37.87 8.36 0.90
C SER A 150 37.70 6.91 0.42
N TYR A 151 38.41 5.98 1.05
CA TYR A 151 38.28 4.57 0.68
C TYR A 151 37.23 3.93 1.56
N VAL A 152 37.15 4.40 2.79
CA VAL A 152 36.16 3.89 3.73
C VAL A 152 35.08 4.96 3.80
N ARG A 153 33.83 4.57 3.56
CA ARG A 153 32.74 5.51 3.65
C ARG A 153 31.50 4.78 4.16
N ASP A 154 30.85 5.37 5.16
CA ASP A 154 29.69 4.76 5.77
C ASP A 154 30.01 3.34 6.18
N ASP A 155 31.19 3.20 6.79
CA ASP A 155 31.69 1.94 7.31
C ASP A 155 31.74 0.78 6.31
N ALA A 156 32.21 1.09 5.09
CA ALA A 156 32.33 0.08 4.06
C ALA A 156 33.39 0.45 3.02
N ILE A 157 33.98 -0.57 2.40
CA ILE A 157 34.97 -0.36 1.36
C ILE A 157 34.59 -1.27 0.20
N PHE A 158 35.15 -0.98 -0.97
CA PHE A 158 34.86 -1.78 -2.15
C PHE A 158 36.17 -2.25 -2.78
N ILE A 159 36.27 -3.55 -2.94
CA ILE A 159 37.44 -4.15 -3.57
C ILE A 159 36.97 -4.57 -4.96
N LYS A 160 37.81 -4.32 -5.97
CA LYS A 160 37.44 -4.69 -7.33
C LYS A 160 38.54 -5.52 -7.95
N ALA A 161 38.14 -6.55 -8.67
CA ALA A 161 39.07 -7.44 -9.36
C ALA A 161 38.66 -7.50 -10.83
N ILE A 162 39.66 -7.49 -11.70
CA ILE A 162 39.43 -7.56 -13.13
C ILE A 162 40.41 -8.58 -13.68
N VAL A 163 39.88 -9.65 -14.25
CA VAL A 163 40.73 -10.68 -14.83
C VAL A 163 40.72 -10.49 -16.34
N ASP A 164 41.91 -10.22 -16.89
CA ASP A 164 42.04 -10.04 -18.33
C ASP A 164 41.66 -11.36 -19.01
N LEU A 165 40.80 -11.26 -20.01
CA LEU A 165 40.32 -12.44 -20.71
C LEU A 165 41.02 -12.72 -22.04
N THR A 166 42.17 -12.09 -22.27
CA THR A 166 42.90 -12.30 -23.51
C THR A 166 43.16 -13.80 -23.72
N GLY A 167 42.82 -14.29 -24.91
CA GLY A 167 43.03 -15.70 -25.22
C GLY A 167 41.97 -16.67 -24.74
N LEU A 168 40.91 -16.16 -24.11
CA LEU A 168 39.86 -17.05 -23.63
C LEU A 168 38.62 -16.98 -24.51
N ALA B 1 8.02 -28.52 -0.33
CA ALA B 1 8.38 -27.13 -0.75
C ALA B 1 9.84 -26.80 -0.41
N MET B 2 10.57 -27.78 0.09
CA MET B 2 11.97 -27.58 0.43
C MET B 2 12.76 -28.18 -0.73
N ALA B 3 12.25 -29.28 -1.27
CA ALA B 3 12.89 -29.93 -2.40
C ALA B 3 12.43 -29.13 -3.61
N ASP B 4 11.37 -28.34 -3.42
CA ASP B 4 10.83 -27.50 -4.46
C ASP B 4 11.70 -26.26 -4.59
N LEU B 5 12.08 -25.68 -3.45
CA LEU B 5 12.93 -24.50 -3.45
C LEU B 5 14.32 -24.96 -3.84
N GLU B 6 14.74 -26.08 -3.27
CA GLU B 6 16.04 -26.65 -3.55
C GLU B 6 16.16 -26.88 -5.05
N GLN B 7 15.09 -27.42 -5.64
CA GLN B 7 15.06 -27.70 -7.07
C GLN B 7 15.11 -26.38 -7.87
N LYS B 8 14.37 -25.39 -7.40
CA LYS B 8 14.36 -24.09 -8.06
C LYS B 8 15.76 -23.51 -8.08
N VAL B 9 16.40 -23.47 -6.92
CA VAL B 9 17.75 -22.94 -6.80
C VAL B 9 18.67 -23.70 -7.75
N LEU B 10 18.55 -25.02 -7.75
CA LEU B 10 19.39 -25.84 -8.60
C LEU B 10 19.17 -25.48 -10.09
N GLU B 11 17.93 -25.19 -10.44
CA GLU B 11 17.59 -24.85 -11.82
C GLU B 11 18.19 -23.50 -12.20
N MET B 12 17.99 -22.49 -11.35
CA MET B 12 18.51 -21.15 -11.59
C MET B 12 20.02 -21.20 -11.76
N GLU B 13 20.66 -22.00 -10.90
CA GLU B 13 22.10 -22.14 -10.91
C GLU B 13 22.65 -22.64 -12.24
N ALA B 14 21.89 -23.49 -12.93
CA ALA B 14 22.33 -24.05 -14.22
C ALA B 14 21.85 -23.28 -15.47
N SER B 15 20.82 -22.46 -15.33
CA SER B 15 20.29 -21.71 -16.47
C SER B 15 21.26 -20.77 -17.17
N THR B 16 21.12 -20.65 -18.48
CA THR B 16 21.94 -19.73 -19.26
C THR B 16 20.94 -19.02 -20.17
N TYR B 17 21.28 -17.80 -20.59
CA TYR B 17 20.37 -17.04 -21.45
C TYR B 17 20.97 -16.54 -22.77
N ASP B 18 21.84 -17.34 -23.36
CA ASP B 18 22.46 -16.96 -24.63
C ASP B 18 22.47 -18.11 -25.62
N GLY B 19 21.63 -19.11 -25.39
CA GLY B 19 21.58 -20.25 -26.31
C GLY B 19 22.71 -21.25 -26.23
N VAL B 20 23.66 -21.06 -25.31
CA VAL B 20 24.76 -22.00 -25.15
C VAL B 20 24.66 -22.69 -23.80
N PHE B 21 24.72 -24.00 -23.81
CA PHE B 21 24.59 -24.77 -22.58
C PHE B 21 25.61 -25.89 -22.53
N ILE B 22 26.24 -26.06 -21.37
CA ILE B 22 27.20 -27.14 -21.18
C ILE B 22 26.68 -27.94 -20.00
N TRP B 23 26.37 -29.19 -20.28
CA TRP B 23 25.80 -30.09 -19.28
C TRP B 23 26.80 -31.14 -18.81
N LYS B 24 27.27 -30.99 -17.57
CA LYS B 24 28.22 -31.94 -17.03
C LYS B 24 27.44 -33.08 -16.40
N ILE B 25 27.73 -34.31 -16.81
CA ILE B 25 27.05 -35.47 -16.25
C ILE B 25 28.05 -36.30 -15.45
N SER B 26 27.95 -36.19 -14.13
CA SER B 26 28.84 -36.91 -13.22
C SER B 26 28.30 -38.30 -12.89
N ASP B 27 29.08 -39.08 -12.15
CA ASP B 27 28.67 -40.45 -11.79
C ASP B 27 28.31 -41.17 -13.06
N PHE B 28 29.05 -40.90 -14.14
CA PHE B 28 28.79 -41.49 -15.44
C PHE B 28 28.66 -43.01 -15.50
N PRO B 29 29.60 -43.71 -14.87
CA PRO B 29 29.57 -45.17 -14.89
C PRO B 29 28.28 -45.73 -14.29
N ARG B 30 27.86 -45.18 -13.16
CA ARG B 30 26.64 -45.65 -12.50
C ARG B 30 25.42 -45.39 -13.38
N LYS B 31 25.27 -44.15 -13.82
CA LYS B 31 24.14 -43.78 -14.67
C LYS B 31 24.13 -44.60 -15.96
N ARG B 32 25.33 -44.89 -16.46
CA ARG B 32 25.48 -45.66 -17.69
C ARG B 32 24.87 -47.04 -17.41
N GLN B 33 25.23 -47.65 -16.29
CA GLN B 33 24.71 -48.97 -15.95
C GLN B 33 23.20 -48.95 -15.78
N GLU B 34 22.69 -47.92 -15.13
CA GLU B 34 21.25 -47.80 -14.90
C GLU B 34 20.49 -47.72 -16.21
N ALA B 35 21.17 -47.28 -17.26
CA ALA B 35 20.57 -47.18 -18.59
C ALA B 35 20.61 -48.56 -19.23
N VAL B 36 21.78 -49.20 -19.17
CA VAL B 36 21.95 -50.53 -19.74
C VAL B 36 20.99 -51.51 -19.06
N ALA B 37 20.84 -51.37 -17.76
CA ALA B 37 19.96 -52.22 -16.98
C ALA B 37 18.49 -51.98 -17.30
N GLY B 38 18.19 -50.80 -17.84
CA GLY B 38 16.82 -50.47 -18.19
C GLY B 38 16.05 -49.81 -17.05
N ARG B 39 16.72 -49.49 -15.94
CA ARG B 39 16.05 -48.85 -14.82
C ARG B 39 15.77 -47.38 -15.10
N ILE B 40 16.77 -46.69 -15.64
CA ILE B 40 16.65 -45.28 -15.97
C ILE B 40 17.25 -45.09 -17.36
N PRO B 41 16.44 -45.31 -18.41
CA PRO B 41 16.85 -45.17 -19.80
C PRO B 41 17.34 -43.77 -20.17
N ALA B 42 16.62 -42.76 -19.71
CA ALA B 42 16.94 -41.38 -20.04
C ALA B 42 17.03 -40.41 -18.87
N ILE B 43 17.69 -39.28 -19.13
CA ILE B 43 17.91 -38.21 -18.16
C ILE B 43 17.62 -36.86 -18.81
N PHE B 44 16.94 -35.97 -18.09
CA PHE B 44 16.67 -34.63 -18.61
C PHE B 44 17.69 -33.67 -18.00
N SER B 45 18.13 -32.68 -18.77
CA SER B 45 19.07 -31.70 -18.26
C SER B 45 18.28 -30.49 -17.76
N PRO B 46 18.95 -29.60 -17.00
CA PRO B 46 18.29 -28.40 -16.49
C PRO B 46 17.92 -27.55 -17.72
N ALA B 47 17.07 -26.56 -17.53
CA ALA B 47 16.63 -25.71 -18.64
C ALA B 47 17.57 -24.54 -18.92
N PHE B 48 17.56 -24.07 -20.17
CA PHE B 48 18.37 -22.93 -20.58
C PHE B 48 17.59 -22.13 -21.63
N TYR B 49 18.00 -20.90 -21.91
CA TYR B 49 17.24 -20.06 -22.84
C TYR B 49 18.02 -19.43 -23.98
N THR B 50 17.30 -18.95 -24.99
CA THR B 50 17.92 -18.31 -26.15
C THR B 50 18.31 -16.86 -25.84
N SER B 51 17.55 -16.24 -24.94
CA SER B 51 17.79 -14.86 -24.51
C SER B 51 17.11 -14.69 -23.14
N ARG B 52 17.39 -13.57 -22.46
CA ARG B 52 16.82 -13.36 -21.14
C ARG B 52 15.33 -13.70 -21.05
N TYR B 53 14.58 -13.36 -22.10
CA TYR B 53 13.15 -13.67 -22.11
C TYR B 53 12.79 -14.48 -23.36
N GLY B 54 13.68 -15.39 -23.75
CA GLY B 54 13.48 -16.19 -24.95
C GLY B 54 12.87 -17.57 -24.74
N TYR B 55 13.11 -18.45 -25.72
CA TYR B 55 12.58 -19.81 -25.66
C TYR B 55 13.22 -20.58 -24.52
N LYS B 56 12.42 -21.46 -23.90
CA LYS B 56 12.89 -22.32 -22.82
C LYS B 56 13.13 -23.70 -23.43
N MET B 57 14.29 -24.28 -23.15
CA MET B 57 14.67 -25.56 -23.74
C MET B 57 15.47 -26.43 -22.75
N CYS B 58 15.53 -27.73 -23.00
CA CYS B 58 16.35 -28.62 -22.19
C CYS B 58 16.79 -29.76 -23.09
N LEU B 59 17.62 -30.64 -22.58
CA LEU B 59 18.09 -31.76 -23.37
C LEU B 59 17.66 -33.06 -22.71
N ARG B 60 17.64 -34.13 -23.47
CA ARG B 60 17.27 -35.44 -22.95
C ARG B 60 18.27 -36.41 -23.53
N ILE B 61 18.90 -37.20 -22.67
CA ILE B 61 19.88 -38.15 -23.17
C ILE B 61 19.60 -39.58 -22.73
N TYR B 62 19.95 -40.52 -23.60
CA TYR B 62 19.81 -41.94 -23.33
C TYR B 62 21.22 -42.50 -23.42
N LEU B 63 21.83 -42.77 -22.27
CA LEU B 63 23.19 -43.28 -22.26
C LEU B 63 23.35 -44.61 -22.97
N ASN B 64 22.26 -45.40 -23.06
CA ASN B 64 22.35 -46.68 -23.77
C ASN B 64 21.43 -46.70 -25.00
N GLY B 65 21.09 -45.52 -25.50
CA GLY B 65 20.27 -45.42 -26.70
C GLY B 65 18.76 -45.50 -26.63
N ASP B 66 18.13 -44.98 -27.68
CA ASP B 66 16.67 -44.98 -27.82
C ASP B 66 16.36 -45.28 -29.28
N GLY B 67 15.18 -45.85 -29.53
CA GLY B 67 14.79 -46.16 -30.90
C GLY B 67 15.86 -46.83 -31.73
N THR B 68 16.15 -46.28 -32.90
CA THR B 68 17.15 -46.84 -33.80
C THR B 68 18.54 -46.99 -33.19
N GLY B 69 18.78 -46.34 -32.06
CA GLY B 69 20.08 -46.43 -31.43
C GLY B 69 20.10 -47.24 -30.16
N ARG B 70 18.93 -47.71 -29.74
CA ARG B 70 18.80 -48.50 -28.51
C ARG B 70 19.83 -49.63 -28.41
N GLY B 71 20.71 -49.53 -27.42
CA GLY B 71 21.73 -50.54 -27.22
C GLY B 71 23.02 -50.41 -28.00
N THR B 72 23.03 -49.58 -29.03
CA THR B 72 24.22 -49.40 -29.85
C THR B 72 24.83 -48.01 -29.76
N HIS B 73 23.99 -46.99 -29.59
CA HIS B 73 24.51 -45.63 -29.51
C HIS B 73 24.01 -44.85 -28.31
N LEU B 74 24.60 -43.67 -28.18
CA LEU B 74 24.22 -42.71 -27.16
C LEU B 74 23.23 -41.87 -27.95
N SER B 75 22.01 -41.71 -27.45
CA SER B 75 21.02 -40.91 -28.15
C SER B 75 20.85 -39.60 -27.39
N LEU B 76 20.84 -38.48 -28.12
CA LEU B 76 20.71 -37.17 -27.48
C LEU B 76 19.60 -36.40 -28.16
N PHE B 77 18.68 -35.83 -27.38
CA PHE B 77 17.57 -35.06 -27.95
C PHE B 77 17.44 -33.65 -27.42
N PHE B 78 16.81 -32.80 -28.23
CA PHE B 78 16.55 -31.40 -27.91
C PHE B 78 15.08 -31.28 -27.54
N VAL B 79 14.77 -30.49 -26.51
CA VAL B 79 13.38 -30.33 -26.10
C VAL B 79 12.96 -28.88 -25.94
N VAL B 80 11.86 -28.51 -26.58
CA VAL B 80 11.31 -27.16 -26.45
C VAL B 80 10.31 -27.27 -25.31
N MET B 81 10.48 -26.43 -24.29
CA MET B 81 9.62 -26.43 -23.13
C MET B 81 8.70 -25.21 -23.12
N LYS B 82 7.64 -25.27 -22.31
CA LYS B 82 6.75 -24.15 -22.18
C LYS B 82 7.52 -23.11 -21.39
N GLY B 83 7.74 -21.95 -22.01
CA GLY B 83 8.48 -20.88 -21.35
C GLY B 83 7.52 -19.82 -20.86
N PRO B 84 7.90 -19.05 -19.83
CA PRO B 84 7.04 -17.99 -19.28
C PRO B 84 6.69 -16.87 -20.24
N ASN B 85 7.49 -16.70 -21.29
CA ASN B 85 7.24 -15.62 -22.24
C ASN B 85 6.85 -16.11 -23.63
N ASP B 86 6.43 -17.37 -23.71
CA ASP B 86 6.05 -17.93 -25.00
C ASP B 86 5.12 -17.05 -25.83
N ALA B 87 4.16 -16.38 -25.18
CA ALA B 87 3.22 -15.50 -25.87
C ALA B 87 3.89 -14.40 -26.70
N LEU B 88 5.12 -14.04 -26.33
CA LEU B 88 5.85 -12.98 -27.00
C LEU B 88 6.80 -13.47 -28.10
N LEU B 89 6.97 -14.78 -28.19
CA LEU B 89 7.88 -15.37 -29.18
C LEU B 89 7.24 -15.83 -30.47
N ARG B 90 8.07 -16.07 -31.47
CA ARG B 90 7.58 -16.53 -32.77
C ARG B 90 7.51 -18.05 -32.81
N TRP B 91 6.42 -18.57 -33.37
CA TRP B 91 6.24 -20.00 -33.51
C TRP B 91 5.93 -20.37 -34.95
N PRO B 92 6.38 -21.55 -35.39
CA PRO B 92 7.14 -22.53 -34.61
C PRO B 92 8.58 -22.13 -34.33
N PHE B 93 9.16 -22.77 -33.30
CA PHE B 93 10.55 -22.58 -32.94
C PHE B 93 11.31 -23.09 -34.16
N ASN B 94 12.20 -22.29 -34.73
CA ASN B 94 12.90 -22.77 -35.92
C ASN B 94 14.38 -22.41 -35.99
N GLN B 95 15.06 -22.41 -34.86
CA GLN B 95 16.49 -22.10 -34.82
C GLN B 95 17.30 -23.37 -34.98
N LYS B 96 18.40 -23.27 -35.73
CA LYS B 96 19.27 -24.42 -35.93
C LYS B 96 19.89 -24.78 -34.58
N VAL B 97 20.01 -26.08 -34.32
CA VAL B 97 20.57 -26.54 -33.06
C VAL B 97 21.75 -27.46 -33.28
N THR B 98 22.85 -27.18 -32.58
CA THR B 98 24.05 -28.00 -32.66
C THR B 98 24.24 -28.70 -31.31
N LEU B 99 24.45 -30.02 -31.37
CA LEU B 99 24.66 -30.83 -30.17
C LEU B 99 26.07 -31.44 -30.22
N MET B 100 26.75 -31.48 -29.07
CA MET B 100 28.11 -32.01 -29.02
C MET B 100 28.42 -32.84 -27.79
N LEU B 101 29.34 -33.79 -27.96
CA LEU B 101 29.84 -34.61 -26.86
C LEU B 101 31.29 -34.15 -26.88
N LEU B 102 31.70 -33.45 -25.84
CA LEU B 102 33.05 -32.90 -25.78
C LEU B 102 34.19 -33.87 -25.49
N ASP B 103 35.22 -33.78 -26.31
CA ASP B 103 36.43 -34.58 -26.15
C ASP B 103 37.20 -33.83 -25.07
N GLN B 104 37.47 -34.48 -23.94
CA GLN B 104 38.19 -33.81 -22.87
C GLN B 104 39.68 -33.73 -23.14
N ASN B 105 40.05 -34.12 -24.35
CA ASN B 105 41.44 -34.08 -24.81
C ASN B 105 41.41 -32.92 -25.81
N ASN B 106 40.21 -32.36 -25.98
CA ASN B 106 39.95 -31.23 -26.87
C ASN B 106 40.55 -31.37 -28.27
N ARG B 107 40.44 -32.56 -28.86
CA ARG B 107 40.99 -32.79 -30.19
C ARG B 107 39.94 -33.23 -31.20
N GLU B 108 38.93 -33.99 -30.75
CA GLU B 108 37.88 -34.46 -31.66
C GLU B 108 36.53 -34.63 -30.99
N HIS B 109 35.71 -33.57 -31.03
CA HIS B 109 34.40 -33.62 -30.41
C HIS B 109 33.40 -34.33 -31.31
N VAL B 110 32.39 -34.95 -30.72
CA VAL B 110 31.35 -35.59 -31.51
C VAL B 110 30.36 -34.45 -31.73
N ILE B 111 30.04 -34.18 -32.99
CA ILE B 111 29.13 -33.09 -33.28
C ILE B 111 28.10 -33.43 -34.35
N ASP B 112 26.90 -32.88 -34.17
CA ASP B 112 25.84 -33.07 -35.14
C ASP B 112 24.99 -31.82 -35.00
N ALA B 113 24.19 -31.53 -36.01
CA ALA B 113 23.36 -30.36 -35.97
C ALA B 113 22.10 -30.63 -36.76
N PHE B 114 21.02 -29.96 -36.40
CA PHE B 114 19.79 -30.17 -37.12
C PHE B 114 19.00 -28.88 -37.28
N ARG B 115 18.19 -28.86 -38.32
CA ARG B 115 17.34 -27.74 -38.63
C ARG B 115 15.93 -28.19 -38.25
N PRO B 116 15.31 -27.49 -37.28
CA PRO B 116 13.95 -27.88 -36.86
C PRO B 116 13.01 -27.81 -38.06
N ASP B 117 12.06 -28.74 -38.12
CA ASP B 117 11.09 -28.76 -39.22
C ASP B 117 9.84 -27.97 -38.82
N VAL B 118 9.52 -26.93 -39.59
CA VAL B 118 8.33 -26.14 -39.27
C VAL B 118 7.03 -26.93 -39.21
N THR B 119 7.03 -28.17 -39.71
CA THR B 119 5.82 -28.98 -39.69
C THR B 119 5.76 -29.97 -38.53
N SER B 120 6.85 -30.08 -37.77
CA SER B 120 6.89 -31.00 -36.63
C SER B 120 6.23 -30.44 -35.38
N SER B 121 5.44 -31.27 -34.70
CA SER B 121 4.76 -30.84 -33.48
C SER B 121 5.78 -30.53 -32.38
N SER B 122 7.02 -30.98 -32.58
CA SER B 122 8.08 -30.73 -31.60
C SER B 122 8.39 -29.25 -31.46
N PHE B 123 8.08 -28.47 -32.48
CA PHE B 123 8.40 -27.05 -32.44
C PHE B 123 7.24 -26.06 -32.40
N GLN B 124 6.03 -26.55 -32.16
CA GLN B 124 4.90 -25.65 -32.08
C GLN B 124 4.88 -25.07 -30.67
N ARG B 125 4.07 -24.03 -30.44
CA ARG B 125 4.01 -23.44 -29.11
C ARG B 125 3.55 -24.50 -28.13
N PRO B 126 4.32 -24.71 -27.04
CA PRO B 126 3.99 -25.70 -26.02
C PRO B 126 2.65 -25.54 -25.35
N VAL B 127 1.98 -26.67 -25.18
CA VAL B 127 0.68 -26.74 -24.51
C VAL B 127 0.94 -27.45 -23.19
N ASN B 128 1.83 -28.43 -23.24
CA ASN B 128 2.23 -29.20 -22.06
C ASN B 128 3.55 -28.57 -21.59
N ASP B 129 4.10 -29.09 -20.50
CA ASP B 129 5.35 -28.56 -19.97
C ASP B 129 6.48 -28.70 -20.97
N MET B 130 6.45 -29.78 -21.75
CA MET B 130 7.47 -30.06 -22.75
C MET B 130 6.86 -30.60 -24.04
N ASN B 131 7.40 -30.20 -25.18
CA ASN B 131 6.93 -30.74 -26.44
C ASN B 131 7.67 -32.06 -26.63
N ILE B 132 7.28 -32.80 -27.66
CA ILE B 132 7.93 -34.07 -27.97
C ILE B 132 9.38 -33.71 -28.34
N ALA B 133 10.33 -34.50 -27.84
CA ALA B 133 11.73 -34.21 -28.12
C ALA B 133 12.10 -34.67 -29.52
N SER B 134 13.16 -34.10 -30.08
CA SER B 134 13.63 -34.50 -31.38
C SER B 134 15.14 -34.29 -31.36
N GLY B 135 15.88 -35.09 -32.11
CA GLY B 135 17.30 -34.92 -32.12
C GLY B 135 18.09 -35.99 -32.84
N CYS B 136 19.03 -36.60 -32.14
CA CYS B 136 19.91 -37.59 -32.75
C CYS B 136 19.90 -38.97 -32.09
N PRO B 137 19.08 -39.90 -32.59
CA PRO B 137 19.00 -41.26 -32.04
C PRO B 137 20.32 -42.02 -32.18
N LEU B 138 21.10 -41.65 -33.19
CA LEU B 138 22.38 -42.29 -33.44
C LEU B 138 23.50 -41.25 -33.28
N PHE B 139 23.43 -40.48 -32.20
CA PHE B 139 24.40 -39.42 -31.94
C PHE B 139 25.85 -39.90 -31.82
N CYS B 140 26.09 -40.93 -31.00
CA CYS B 140 27.44 -41.43 -30.81
C CYS B 140 27.50 -42.93 -30.49
N PRO B 141 28.35 -43.68 -31.22
CA PRO B 141 28.47 -45.13 -30.99
C PRO B 141 28.94 -45.37 -29.56
N VAL B 142 28.26 -46.25 -28.84
CA VAL B 142 28.64 -46.54 -27.47
C VAL B 142 30.13 -46.86 -27.36
N SER B 143 30.67 -47.49 -28.40
CA SER B 143 32.08 -47.85 -28.44
C SER B 143 32.97 -46.62 -28.38
N LYS B 144 32.72 -45.67 -29.28
CA LYS B 144 33.50 -44.45 -29.35
C LYS B 144 33.70 -43.87 -27.95
N MET B 145 32.73 -43.11 -27.46
CA MET B 145 32.87 -42.57 -26.11
C MET B 145 32.68 -43.75 -25.16
N GLU B 146 32.14 -43.49 -23.97
CA GLU B 146 31.88 -44.55 -22.99
C GLU B 146 33.02 -45.54 -22.81
N ALA B 147 33.17 -46.45 -23.79
CA ALA B 147 34.20 -47.49 -23.77
C ALA B 147 35.63 -46.98 -23.64
N LYS B 148 35.80 -45.85 -22.95
CA LYS B 148 37.09 -45.19 -22.70
C LYS B 148 37.29 -43.94 -23.56
N ASN B 149 38.36 -43.94 -24.34
CA ASN B 149 38.68 -42.79 -25.18
C ASN B 149 38.87 -41.55 -24.32
N SER B 150 38.68 -40.37 -24.91
CA SER B 150 38.84 -39.12 -24.18
C SER B 150 37.55 -38.37 -23.89
N TYR B 151 36.40 -39.03 -24.04
CA TYR B 151 35.14 -38.37 -23.76
C TYR B 151 34.77 -38.50 -22.29
N VAL B 152 35.06 -39.65 -21.73
CA VAL B 152 34.80 -39.89 -20.33
C VAL B 152 36.12 -39.61 -19.61
N ARG B 153 36.07 -38.75 -18.61
CA ARG B 153 37.26 -38.37 -17.83
C ARG B 153 36.86 -38.22 -16.37
N ASP B 154 37.57 -38.92 -15.49
CA ASP B 154 37.25 -38.87 -14.08
C ASP B 154 35.77 -39.09 -13.85
N ASP B 155 35.25 -40.13 -14.50
CA ASP B 155 33.86 -40.54 -14.39
C ASP B 155 32.83 -39.44 -14.68
N ALA B 156 33.07 -38.70 -15.76
CA ALA B 156 32.15 -37.63 -16.15
C ALA B 156 32.29 -37.28 -17.63
N ILE B 157 31.21 -36.79 -18.23
CA ILE B 157 31.22 -36.38 -19.63
C ILE B 157 30.59 -35.00 -19.71
N PHE B 158 30.84 -34.30 -20.80
CA PHE B 158 30.27 -32.98 -20.98
C PHE B 158 29.51 -32.91 -22.30
N ILE B 159 28.25 -32.52 -22.22
CA ILE B 159 27.41 -32.38 -23.40
C ILE B 159 27.27 -30.87 -23.62
N LYS B 160 27.36 -30.44 -24.87
CA LYS B 160 27.24 -29.01 -25.16
C LYS B 160 26.19 -28.80 -26.25
N ALA B 161 25.35 -27.79 -26.05
CA ALA B 161 24.32 -27.44 -27.02
C ALA B 161 24.49 -25.97 -27.38
N ILE B 162 24.35 -25.67 -28.67
CA ILE B 162 24.47 -24.32 -29.16
C ILE B 162 23.28 -24.05 -30.06
N VAL B 163 22.46 -23.08 -29.68
CA VAL B 163 21.30 -22.73 -30.47
C VAL B 163 21.61 -21.47 -31.27
N ASP B 164 21.55 -21.59 -32.59
CA ASP B 164 21.82 -20.45 -33.44
C ASP B 164 20.73 -19.41 -33.17
N LEU B 165 21.15 -18.16 -32.99
CA LEU B 165 20.22 -17.08 -32.69
C LEU B 165 19.87 -16.20 -33.88
N THR B 166 20.21 -16.62 -35.08
CA THR B 166 19.91 -15.85 -36.27
C THR B 166 18.43 -15.45 -36.30
N GLY B 167 18.17 -14.16 -36.49
CA GLY B 167 16.80 -13.68 -36.55
C GLY B 167 16.13 -13.42 -35.22
N LEU B 168 16.84 -13.61 -34.11
CA LEU B 168 16.25 -13.36 -32.81
C LEU B 168 16.78 -12.07 -32.20
N ALA C 1 12.80 -15.95 7.63
CA ALA C 1 12.46 -17.40 7.73
C ALA C 1 12.57 -18.08 6.37
N MET C 2 11.67 -19.03 6.11
CA MET C 2 11.66 -19.71 4.83
C MET C 2 10.99 -18.77 3.84
N ALA C 3 10.26 -17.80 4.37
CA ALA C 3 9.57 -16.81 3.55
C ALA C 3 10.61 -15.79 3.08
N ASP C 4 11.63 -15.60 3.90
CA ASP C 4 12.70 -14.67 3.58
C ASP C 4 13.54 -15.22 2.43
N LEU C 5 14.02 -16.45 2.59
CA LEU C 5 14.83 -17.08 1.57
C LEU C 5 14.07 -17.23 0.26
N GLU C 6 12.86 -17.78 0.36
CA GLU C 6 12.02 -17.99 -0.82
C GLU C 6 11.83 -16.68 -1.57
N GLN C 7 11.69 -15.58 -0.83
CA GLN C 7 11.50 -14.27 -1.45
C GLN C 7 12.76 -13.82 -2.18
N LYS C 8 13.92 -14.11 -1.60
CA LYS C 8 15.20 -13.75 -2.20
C LYS C 8 15.37 -14.50 -3.51
N VAL C 9 15.06 -15.79 -3.49
CA VAL C 9 15.18 -16.61 -4.69
C VAL C 9 14.30 -16.02 -5.80
N LEU C 10 13.07 -15.68 -5.48
CA LEU C 10 12.19 -15.09 -6.49
C LEU C 10 12.80 -13.80 -7.05
N GLU C 11 13.33 -12.96 -6.17
CA GLU C 11 13.94 -11.71 -6.60
C GLU C 11 15.11 -11.97 -7.54
N MET C 12 15.98 -12.90 -7.16
CA MET C 12 17.14 -13.24 -7.97
C MET C 12 16.72 -13.78 -9.33
N GLU C 13 15.69 -14.60 -9.31
CA GLU C 13 15.18 -15.21 -10.52
C GLU C 13 14.64 -14.18 -11.52
N ALA C 14 14.13 -13.05 -11.03
CA ALA C 14 13.60 -12.02 -11.91
C ALA C 14 14.60 -10.90 -12.27
N SER C 15 15.65 -10.76 -11.49
CA SER C 15 16.62 -9.70 -11.75
C SER C 15 17.28 -9.76 -13.12
N THR C 16 17.55 -8.57 -13.67
CA THR C 16 18.25 -8.46 -14.95
C THR C 16 19.30 -7.37 -14.71
N TYR C 17 20.40 -7.41 -15.44
CA TYR C 17 21.46 -6.43 -15.25
C TYR C 17 21.90 -5.64 -16.50
N ASP C 18 20.96 -5.37 -17.41
CA ASP C 18 21.27 -4.63 -18.62
C ASP C 18 20.26 -3.54 -18.90
N GLY C 19 19.52 -3.12 -17.87
CA GLY C 19 18.55 -2.06 -18.06
C GLY C 19 17.25 -2.42 -18.76
N VAL C 20 17.07 -3.68 -19.12
CA VAL C 20 15.85 -4.12 -19.78
C VAL C 20 15.12 -5.10 -18.88
N PHE C 21 13.82 -4.89 -18.71
CA PHE C 21 13.03 -5.73 -17.82
C PHE C 21 11.64 -5.98 -18.41
N ILE C 22 11.20 -7.22 -18.40
CA ILE C 22 9.89 -7.56 -18.89
C ILE C 22 9.15 -8.17 -17.70
N TRP C 23 8.06 -7.51 -17.32
CA TRP C 23 7.26 -7.91 -16.18
C TRP C 23 5.94 -8.53 -16.59
N LYS C 24 5.83 -9.84 -16.40
CA LYS C 24 4.62 -10.56 -16.76
C LYS C 24 3.68 -10.55 -15.56
N ILE C 25 2.50 -10.00 -15.75
CA ILE C 25 1.52 -9.97 -14.67
C ILE C 25 0.38 -10.95 -14.97
N SER C 26 0.37 -12.06 -14.24
CA SER C 26 -0.64 -13.10 -14.39
C SER C 26 -1.84 -12.83 -13.48
N ASP C 27 -2.88 -13.66 -13.60
CA ASP C 27 -4.10 -13.46 -12.80
C ASP C 27 -4.57 -12.02 -12.99
N PHE C 28 -4.41 -11.51 -14.21
CA PHE C 28 -4.78 -10.14 -14.51
C PHE C 28 -6.19 -9.71 -14.13
N PRO C 29 -7.18 -10.52 -14.49
CA PRO C 29 -8.57 -10.18 -14.18
C PRO C 29 -8.80 -9.98 -12.69
N ARG C 30 -8.29 -10.90 -11.88
CA ARG C 30 -8.46 -10.81 -10.43
C ARG C 30 -7.77 -9.57 -9.88
N LYS C 31 -6.50 -9.38 -10.25
CA LYS C 31 -5.75 -8.23 -9.78
C LYS C 31 -6.40 -6.94 -10.23
N ARG C 32 -6.94 -6.95 -11.45
CA ARG C 32 -7.60 -5.78 -12.01
C ARG C 32 -8.80 -5.45 -11.12
N GLN C 33 -9.54 -6.48 -10.73
CA GLN C 33 -10.72 -6.30 -9.90
C GLN C 33 -10.35 -5.80 -8.50
N GLU C 34 -9.24 -6.30 -7.97
CA GLU C 34 -8.79 -5.91 -6.64
C GLU C 34 -8.39 -4.43 -6.62
N ALA C 35 -8.05 -3.89 -7.79
CA ALA C 35 -7.68 -2.48 -7.90
C ALA C 35 -8.96 -1.65 -7.99
N VAL C 36 -9.86 -2.07 -8.88
CA VAL C 36 -11.13 -1.37 -9.06
C VAL C 36 -11.86 -1.30 -7.73
N ALA C 37 -11.80 -2.40 -6.98
CA ALA C 37 -12.45 -2.49 -5.68
C ALA C 37 -11.76 -1.60 -4.64
N GLY C 38 -10.50 -1.26 -4.91
CA GLY C 38 -9.76 -0.42 -3.99
C GLY C 38 -9.05 -1.18 -2.88
N ARG C 39 -9.04 -2.51 -2.99
CA ARG C 39 -8.39 -3.34 -1.98
C ARG C 39 -6.86 -3.31 -2.14
N ILE C 40 -6.41 -3.41 -3.39
CA ILE C 40 -4.98 -3.38 -3.71
C ILE C 40 -4.82 -2.50 -4.94
N PRO C 41 -4.72 -1.17 -4.72
CA PRO C 41 -4.57 -0.18 -5.78
C PRO C 41 -3.33 -0.37 -6.65
N ALA C 42 -2.21 -0.69 -6.02
CA ALA C 42 -0.95 -0.86 -6.74
C ALA C 42 -0.15 -2.12 -6.45
N ILE C 43 0.76 -2.44 -7.37
CA ILE C 43 1.62 -3.59 -7.28
C ILE C 43 3.05 -3.18 -7.65
N PHE C 44 4.03 -3.71 -6.92
CA PHE C 44 5.44 -3.43 -7.22
C PHE C 44 6.02 -4.62 -7.96
N SER C 45 6.89 -4.35 -8.92
CA SER C 45 7.53 -5.43 -9.65
C SER C 45 8.83 -5.76 -8.97
N PRO C 46 9.44 -6.90 -9.33
CA PRO C 46 10.72 -7.32 -8.75
C PRO C 46 11.75 -6.28 -9.24
N ALA C 47 12.93 -6.27 -8.63
CA ALA C 47 13.95 -5.30 -9.00
C ALA C 47 14.85 -5.74 -10.16
N PHE C 48 15.40 -4.76 -10.88
CA PHE C 48 16.31 -5.02 -11.99
C PHE C 48 17.39 -3.94 -11.96
N TYR C 49 18.47 -4.12 -12.72
CA TYR C 49 19.58 -3.17 -12.67
C TYR C 49 20.09 -2.69 -14.03
N THR C 50 20.84 -1.57 -14.00
CA THR C 50 21.40 -1.01 -15.23
C THR C 50 22.66 -1.75 -15.67
N SER C 51 23.37 -2.34 -14.70
CA SER C 51 24.59 -3.10 -14.97
C SER C 51 24.80 -4.01 -13.77
N ARG C 52 25.76 -4.94 -13.87
CA ARG C 52 25.98 -5.88 -12.78
C ARG C 52 26.04 -5.20 -11.42
N TYR C 53 26.68 -4.04 -11.35
CA TYR C 53 26.76 -3.31 -10.11
C TYR C 53 26.18 -1.91 -10.30
N GLY C 54 25.11 -1.82 -11.07
CA GLY C 54 24.51 -0.53 -11.37
C GLY C 54 23.36 -0.09 -10.47
N TYR C 55 22.55 0.83 -10.96
CA TYR C 55 21.42 1.34 -10.19
C TYR C 55 20.38 0.24 -9.99
N LYS C 56 19.68 0.28 -8.86
CA LYS C 56 18.64 -0.69 -8.56
C LYS C 56 17.31 0.03 -8.77
N MET C 57 16.41 -0.62 -9.50
CA MET C 57 15.13 -0.02 -9.86
C MET C 57 14.00 -1.06 -9.87
N CYS C 58 12.75 -0.59 -9.83
CA CYS C 58 11.59 -1.46 -9.95
C CYS C 58 10.45 -0.62 -10.49
N LEU C 59 9.34 -1.26 -10.82
CA LEU C 59 8.20 -0.53 -11.36
C LEU C 59 7.03 -0.64 -10.38
N ARG C 60 6.07 0.26 -10.52
CA ARG C 60 4.89 0.25 -9.69
C ARG C 60 3.73 0.49 -10.63
N ILE C 61 2.71 -0.36 -10.58
CA ILE C 61 1.57 -0.19 -11.47
C ILE C 61 0.25 -0.16 -10.72
N TYR C 62 -0.68 0.66 -11.23
CA TYR C 62 -2.02 0.80 -10.68
C TYR C 62 -2.95 0.37 -11.80
N LEU C 63 -3.50 -0.84 -11.72
CA LEU C 63 -4.37 -1.33 -12.77
C LEU C 63 -5.62 -0.48 -12.98
N ASN C 64 -6.07 0.23 -11.94
CA ASN C 64 -7.24 1.09 -12.09
C ASN C 64 -6.86 2.57 -11.95
N GLY C 65 -5.57 2.87 -12.15
CA GLY C 65 -5.10 4.24 -12.10
C GLY C 65 -4.78 4.91 -10.77
N ASP C 66 -4.00 5.97 -10.87
CA ASP C 66 -3.57 6.76 -9.72
C ASP C 66 -3.65 8.23 -10.11
N GLY C 67 -3.88 9.08 -9.13
CA GLY C 67 -3.95 10.51 -9.37
C GLY C 67 -4.83 10.90 -10.54
N THR C 68 -4.26 11.66 -11.46
CA THR C 68 -4.99 12.14 -12.64
C THR C 68 -5.55 11.02 -13.51
N GLY C 69 -5.12 9.79 -13.26
CA GLY C 69 -5.61 8.68 -14.06
C GLY C 69 -6.51 7.74 -13.30
N ARG C 70 -6.69 8.00 -12.00
CA ARG C 70 -7.52 7.16 -11.15
C ARG C 70 -8.89 6.86 -11.74
N GLY C 71 -9.16 5.59 -11.98
CA GLY C 71 -10.43 5.17 -12.53
C GLY C 71 -10.57 5.24 -14.03
N THR C 72 -9.67 5.95 -14.70
CA THR C 72 -9.75 6.08 -16.15
C THR C 72 -8.60 5.41 -16.90
N HIS C 73 -7.41 5.44 -16.33
CA HIS C 73 -6.27 4.84 -17.00
C HIS C 73 -5.47 3.85 -16.15
N LEU C 74 -4.55 3.20 -16.84
CA LEU C 74 -3.62 2.28 -16.22
C LEU C 74 -2.45 3.23 -15.95
N SER C 75 -2.04 3.36 -14.69
CA SER C 75 -0.93 4.25 -14.35
C SER C 75 0.31 3.39 -14.10
N LEU C 76 1.45 3.79 -14.67
CA LEU C 76 2.67 3.01 -14.51
C LEU C 76 3.80 3.91 -14.05
N PHE C 77 4.51 3.54 -12.98
CA PHE C 77 5.61 4.35 -12.49
C PHE C 77 6.96 3.65 -12.42
N PHE C 78 8.02 4.46 -12.42
CA PHE C 78 9.40 3.99 -12.34
C PHE C 78 9.89 4.32 -10.92
N VAL C 79 10.66 3.42 -10.32
CA VAL C 79 11.15 3.66 -8.97
C VAL C 79 12.65 3.40 -8.82
N VAL C 80 13.38 4.40 -8.30
CA VAL C 80 14.80 4.23 -8.04
C VAL C 80 14.86 3.69 -6.62
N MET C 81 15.57 2.58 -6.43
CA MET C 81 15.69 1.95 -5.11
C MET C 81 17.10 2.07 -4.56
N LYS C 82 17.24 1.88 -3.25
CA LYS C 82 18.55 1.91 -2.64
C LYS C 82 19.26 0.68 -3.15
N GLY C 83 20.36 0.89 -3.87
CA GLY C 83 21.13 -0.22 -4.40
C GLY C 83 22.34 -0.46 -3.53
N PRO C 84 22.88 -1.68 -3.49
CA PRO C 84 24.06 -2.02 -2.69
C PRO C 84 25.34 -1.29 -3.09
N ASN C 85 25.37 -0.77 -4.31
CA ASN C 85 26.55 -0.08 -4.81
C ASN C 85 26.34 1.40 -5.07
N ASP C 86 25.26 1.95 -4.51
CA ASP C 86 24.94 3.36 -4.71
C ASP C 86 26.12 4.31 -4.50
N ALA C 87 26.98 4.02 -3.53
CA ALA C 87 28.15 4.86 -3.24
C ALA C 87 29.09 5.05 -4.44
N LEU C 88 29.06 4.10 -5.36
CA LEU C 88 29.94 4.12 -6.53
C LEU C 88 29.29 4.74 -7.78
N LEU C 89 28.00 5.04 -7.70
CA LEU C 89 27.25 5.60 -8.83
C LEU C 89 27.11 7.12 -8.82
N ARG C 90 26.78 7.68 -9.98
CA ARG C 90 26.60 9.12 -10.11
C ARG C 90 25.16 9.48 -9.77
N TRP C 91 25.01 10.56 -9.01
CA TRP C 91 23.69 11.04 -8.63
C TRP C 91 23.57 12.50 -9.03
N PRO C 92 22.35 12.94 -9.38
CA PRO C 92 21.12 12.12 -9.42
C PRO C 92 21.08 11.14 -10.57
N PHE C 93 20.17 10.16 -10.46
CA PHE C 93 19.96 9.18 -11.51
C PHE C 93 19.37 10.00 -12.64
N ASN C 94 19.94 9.92 -13.85
CA ASN C 94 19.38 10.72 -14.92
C ASN C 94 19.32 10.02 -16.28
N GLN C 95 19.04 8.72 -16.28
CA GLN C 95 18.94 7.96 -17.52
C GLN C 95 17.51 8.02 -18.05
N LYS C 96 17.37 8.13 -19.37
CA LYS C 96 16.06 8.18 -20.00
C LYS C 96 15.41 6.81 -19.81
N VAL C 97 14.11 6.82 -19.52
CA VAL C 97 13.38 5.57 -19.29
C VAL C 97 12.19 5.44 -20.22
N THR C 98 12.05 4.26 -20.82
CA THR C 98 10.96 3.96 -21.71
C THR C 98 10.10 2.88 -21.05
N LEU C 99 8.80 3.12 -20.99
CA LEU C 99 7.85 2.18 -20.40
C LEU C 99 6.89 1.68 -21.48
N MET C 100 6.63 0.37 -21.48
CA MET C 100 5.76 -0.23 -22.49
C MET C 100 4.74 -1.25 -21.98
N LEU C 101 3.59 -1.28 -22.65
CA LEU C 101 2.55 -2.28 -22.39
C LEU C 101 2.60 -3.00 -23.72
N LEU C 102 3.02 -4.25 -23.71
CA LEU C 102 3.18 -5.00 -24.94
C LEU C 102 1.91 -5.56 -25.58
N ASP C 103 1.80 -5.37 -26.89
CA ASP C 103 0.68 -5.89 -27.65
C ASP C 103 1.08 -7.33 -27.95
N GLN C 104 0.28 -8.29 -27.50
CA GLN C 104 0.60 -9.69 -27.72
C GLN C 104 0.26 -10.16 -29.13
N ASN C 105 -0.08 -9.20 -29.98
CA ASN C 105 -0.39 -9.46 -31.38
C ASN C 105 0.78 -8.80 -32.11
N ASN C 106 1.67 -8.21 -31.30
CA ASN C 106 2.88 -7.53 -31.75
C ASN C 106 2.68 -6.61 -32.95
N ARG C 107 1.83 -5.60 -32.80
CA ARG C 107 1.57 -4.66 -33.87
C ARG C 107 1.47 -3.23 -33.36
N GLU C 108 0.96 -3.06 -32.14
CA GLU C 108 0.82 -1.73 -31.58
C GLU C 108 1.01 -1.70 -30.06
N HIS C 109 2.25 -1.53 -29.61
CA HIS C 109 2.53 -1.49 -28.19
C HIS C 109 2.20 -0.11 -27.64
N VAL C 110 1.84 -0.04 -26.37
CA VAL C 110 1.59 1.26 -25.76
C VAL C 110 2.98 1.66 -25.28
N ILE C 111 3.43 2.83 -25.68
CA ILE C 111 4.76 3.26 -25.30
C ILE C 111 4.84 4.72 -24.90
N ASP C 112 5.64 4.98 -23.87
CA ASP C 112 5.86 6.34 -23.42
C ASP C 112 7.29 6.33 -22.90
N ALA C 113 7.83 7.50 -22.69
CA ALA C 113 9.20 7.61 -22.21
C ALA C 113 9.35 8.93 -21.47
N PHE C 114 10.34 8.99 -20.58
CA PHE C 114 10.55 10.22 -19.85
C PHE C 114 12.02 10.43 -19.52
N ARG C 115 12.35 11.70 -19.35
CA ARG C 115 13.69 12.11 -19.00
C ARG C 115 13.61 12.54 -17.53
N PRO C 116 14.35 11.86 -16.65
CA PRO C 116 14.33 12.20 -15.22
C PRO C 116 14.73 13.66 -15.04
N ASP C 117 14.12 14.34 -14.07
CA ASP C 117 14.46 15.73 -13.82
C ASP C 117 15.53 15.79 -12.73
N VAL C 118 16.71 16.32 -13.06
CA VAL C 118 17.77 16.39 -12.07
C VAL C 118 17.38 17.12 -10.78
N THR C 119 16.28 17.86 -10.79
CA THR C 119 15.84 18.57 -9.59
C THR C 119 14.81 17.80 -8.77
N SER C 120 14.36 16.65 -9.29
CA SER C 120 13.36 15.85 -8.59
C SER C 120 13.90 14.94 -7.48
N SER C 121 13.15 14.91 -6.39
CA SER C 121 13.46 14.09 -5.23
C SER C 121 13.52 12.62 -5.62
N SER C 122 12.75 12.26 -6.65
CA SER C 122 12.69 10.88 -7.14
C SER C 122 14.02 10.30 -7.60
N PHE C 123 14.96 11.16 -7.98
CA PHE C 123 16.22 10.67 -8.49
C PHE C 123 17.48 10.95 -7.70
N GLN C 124 17.33 11.41 -6.47
CA GLN C 124 18.51 11.67 -5.64
C GLN C 124 18.97 10.34 -5.04
N ARG C 125 20.16 10.30 -4.45
CA ARG C 125 20.61 9.04 -3.88
C ARG C 125 19.63 8.61 -2.79
N PRO C 126 19.13 7.38 -2.89
CA PRO C 126 18.18 6.82 -1.92
C PRO C 126 18.64 6.81 -0.48
N VAL C 127 17.75 7.28 0.40
CA VAL C 127 18.00 7.29 1.84
C VAL C 127 17.17 6.13 2.40
N ASN C 128 15.95 6.02 1.87
CA ASN C 128 15.02 4.97 2.26
C ASN C 128 15.19 3.86 1.25
N ASP C 129 14.47 2.76 1.43
CA ASP C 129 14.58 1.63 0.51
C ASP C 129 14.20 2.03 -0.91
N MET C 130 13.20 2.90 -1.03
CA MET C 130 12.71 3.36 -2.33
C MET C 130 12.46 4.85 -2.37
N ASN C 131 12.87 5.50 -3.45
CA ASN C 131 12.58 6.92 -3.59
C ASN C 131 11.14 7.04 -4.07
N ILE C 132 10.64 8.26 -4.10
CA ILE C 132 9.30 8.53 -4.55
C ILE C 132 9.22 8.10 -6.01
N ALA C 133 8.15 7.40 -6.37
CA ALA C 133 8.00 6.92 -7.74
C ALA C 133 7.74 8.08 -8.68
N SER C 134 8.04 7.87 -9.96
CA SER C 134 7.84 8.88 -10.98
C SER C 134 7.47 8.15 -12.26
N GLY C 135 6.55 8.71 -13.04
CA GLY C 135 6.17 8.03 -14.26
C GLY C 135 5.01 8.56 -15.05
N CYS C 136 4.11 7.66 -15.45
CA CYS C 136 2.98 8.00 -16.29
C CYS C 136 1.60 7.71 -15.68
N PRO C 137 0.94 8.74 -15.12
CA PRO C 137 -0.39 8.60 -14.51
C PRO C 137 -1.44 8.23 -15.55
N LEU C 138 -1.24 8.70 -16.77
CA LEU C 138 -2.16 8.45 -17.88
C LEU C 138 -1.47 7.58 -18.93
N PHE C 139 -0.82 6.52 -18.48
CA PHE C 139 -0.09 5.63 -19.37
C PHE C 139 -0.95 4.95 -20.45
N CYS C 140 -2.11 4.42 -20.06
CA CYS C 140 -2.98 3.75 -21.02
C CYS C 140 -4.44 3.76 -20.59
N PRO C 141 -5.35 4.18 -21.48
CA PRO C 141 -6.79 4.21 -21.15
C PRO C 141 -7.26 2.82 -20.78
N VAL C 142 -8.00 2.70 -19.69
CA VAL C 142 -8.50 1.40 -19.26
C VAL C 142 -9.23 0.72 -20.40
N SER C 143 -9.86 1.52 -21.26
CA SER C 143 -10.60 1.00 -22.40
C SER C 143 -9.67 0.29 -23.37
N LYS C 144 -8.63 0.99 -23.81
CA LYS C 144 -7.67 0.43 -24.76
C LYS C 144 -7.28 -0.99 -24.35
N MET C 145 -6.31 -1.13 -23.46
CA MET C 145 -5.93 -2.47 -23.01
C MET C 145 -7.08 -2.97 -22.15
N GLU C 146 -6.78 -3.82 -21.17
CA GLU C 146 -7.79 -4.35 -20.25
C GLU C 146 -9.07 -4.81 -20.93
N ALA C 147 -9.91 -3.85 -21.30
CA ALA C 147 -11.21 -4.11 -21.93
C ALA C 147 -11.13 -4.92 -23.23
N LYS C 148 -10.24 -5.92 -23.24
CA LYS C 148 -10.01 -6.82 -24.36
C LYS C 148 -8.78 -6.45 -25.19
N ASN C 149 -8.97 -6.23 -26.48
CA ASN C 149 -7.87 -5.89 -27.37
C ASN C 149 -6.82 -7.01 -27.36
N SER C 150 -5.59 -6.67 -27.75
CA SER C 150 -4.51 -7.65 -27.82
C SER C 150 -3.45 -7.48 -26.72
N TYR C 151 -3.74 -6.71 -25.69
CA TYR C 151 -2.76 -6.52 -24.61
C TYR C 151 -2.93 -7.58 -23.54
N VAL C 152 -4.17 -7.97 -23.30
CA VAL C 152 -4.47 -9.01 -22.34
C VAL C 152 -4.71 -10.29 -23.13
N ARG C 153 -4.01 -11.36 -22.78
CA ARG C 153 -4.19 -12.63 -23.47
C ARG C 153 -3.95 -13.75 -22.48
N ASP C 154 -4.87 -14.71 -22.45
CA ASP C 154 -4.78 -15.82 -21.51
C ASP C 154 -4.59 -15.28 -20.10
N ASP C 155 -5.36 -14.25 -19.79
CA ASP C 155 -5.36 -13.60 -18.49
C ASP C 155 -3.99 -13.09 -17.99
N ALA C 156 -3.25 -12.45 -18.89
CA ALA C 156 -1.94 -11.91 -18.53
C ALA C 156 -1.55 -10.75 -19.44
N ILE C 157 -0.70 -9.87 -18.92
CA ILE C 157 -0.19 -8.75 -19.70
C ILE C 157 1.31 -8.71 -19.48
N PHE C 158 2.02 -8.00 -20.35
CA PHE C 158 3.46 -7.88 -20.20
C PHE C 158 3.84 -6.42 -20.23
N ILE C 159 4.56 -6.00 -19.20
CA ILE C 159 5.03 -4.63 -19.10
C ILE C 159 6.53 -4.69 -19.37
N LYS C 160 7.04 -3.74 -20.16
CA LYS C 160 8.45 -3.74 -20.47
C LYS C 160 9.07 -2.37 -20.17
N ALA C 161 10.26 -2.38 -19.56
CA ALA C 161 10.98 -1.16 -19.23
C ALA C 161 12.36 -1.24 -19.86
N ILE C 162 12.79 -0.14 -20.46
CA ILE C 162 14.09 -0.07 -21.07
C ILE C 162 14.74 1.20 -20.54
N VAL C 163 15.88 1.04 -19.88
CA VAL C 163 16.59 2.18 -19.34
C VAL C 163 17.77 2.46 -20.27
N ASP C 164 17.80 3.66 -20.83
CA ASP C 164 18.88 4.04 -21.72
C ASP C 164 20.16 4.08 -20.89
N LEU C 165 21.21 3.45 -21.39
CA LEU C 165 22.48 3.38 -20.68
C LEU C 165 23.54 4.37 -21.13
N THR C 166 23.15 5.36 -21.91
CA THR C 166 24.10 6.36 -22.40
C THR C 166 24.90 6.97 -21.24
N GLY C 167 26.22 6.96 -21.36
CA GLY C 167 27.04 7.53 -20.30
C GLY C 167 27.35 6.62 -19.13
N LEU C 168 26.90 5.38 -19.18
CA LEU C 168 27.18 4.46 -18.09
C LEU C 168 28.19 3.42 -18.53
N ALA D 1 -8.00 16.88 -7.23
CA ALA D 1 -7.76 18.02 -6.29
C ALA D 1 -9.11 18.53 -5.80
N MET D 2 -9.92 19.01 -6.73
CA MET D 2 -11.25 19.47 -6.40
C MET D 2 -12.03 18.16 -6.28
N ALA D 3 -11.71 17.22 -7.16
CA ALA D 3 -12.35 15.92 -7.17
C ALA D 3 -12.02 15.19 -5.89
N ASP D 4 -10.78 15.35 -5.42
CA ASP D 4 -10.34 14.72 -4.19
C ASP D 4 -11.13 15.28 -3.02
N LEU D 5 -11.35 16.60 -3.03
CA LEU D 5 -12.11 17.27 -1.97
C LEU D 5 -13.58 16.85 -2.03
N GLU D 6 -14.11 16.74 -3.24
CA GLU D 6 -15.51 16.33 -3.40
C GLU D 6 -15.67 14.91 -2.87
N GLN D 7 -14.65 14.10 -3.08
CA GLN D 7 -14.67 12.71 -2.61
C GLN D 7 -14.68 12.65 -1.08
N LYS D 8 -13.80 13.41 -0.44
CA LYS D 8 -13.74 13.43 1.01
C LYS D 8 -15.05 13.91 1.61
N VAL D 9 -15.66 14.90 0.98
CA VAL D 9 -16.93 15.43 1.48
C VAL D 9 -18.03 14.37 1.37
N LEU D 10 -18.05 13.63 0.25
CA LEU D 10 -19.04 12.59 0.06
C LEU D 10 -18.88 11.48 1.11
N GLU D 11 -17.63 11.11 1.39
CA GLU D 11 -17.34 10.07 2.37
C GLU D 11 -17.81 10.52 3.73
N MET D 12 -17.49 11.76 4.08
CA MET D 12 -17.87 12.33 5.36
C MET D 12 -19.40 12.37 5.48
N GLU D 13 -20.04 12.75 4.38
CA GLU D 13 -21.49 12.85 4.34
C GLU D 13 -22.19 11.52 4.64
N ALA D 14 -21.62 10.42 4.16
CA ALA D 14 -22.23 9.11 4.36
C ALA D 14 -21.77 8.37 5.60
N SER D 15 -20.69 8.82 6.22
CA SER D 15 -20.18 8.13 7.40
C SER D 15 -21.09 8.19 8.63
N THR D 16 -21.03 7.14 9.44
CA THR D 16 -21.78 7.10 10.69
C THR D 16 -20.78 6.53 11.67
N TYR D 17 -20.97 6.78 12.96
CA TYR D 17 -20.03 6.30 13.95
C TYR D 17 -20.64 5.50 15.07
N ASP D 18 -21.75 4.82 14.81
CA ASP D 18 -22.39 4.03 15.85
C ASP D 18 -22.63 2.58 15.44
N GLY D 19 -21.94 2.15 14.38
CA GLY D 19 -22.09 0.78 13.91
C GLY D 19 -23.36 0.50 13.13
N VAL D 20 -24.17 1.53 12.92
CA VAL D 20 -25.41 1.37 12.17
C VAL D 20 -25.31 2.14 10.86
N PHE D 21 -25.60 1.43 9.76
CA PHE D 21 -25.47 2.04 8.44
C PHE D 21 -26.65 1.66 7.56
N ILE D 22 -27.19 2.64 6.85
CA ILE D 22 -28.27 2.38 5.91
C ILE D 22 -27.75 2.81 4.53
N TRP D 23 -27.68 1.84 3.63
CA TRP D 23 -27.17 2.06 2.28
C TRP D 23 -28.29 2.13 1.24
N LYS D 24 -28.55 3.32 0.73
CA LYS D 24 -29.59 3.47 -0.29
C LYS D 24 -28.95 3.27 -1.65
N ILE D 25 -29.42 2.24 -2.36
CA ILE D 25 -28.90 1.93 -3.68
C ILE D 25 -29.90 2.34 -4.76
N SER D 26 -29.66 3.48 -5.38
CA SER D 26 -30.52 4.00 -6.44
C SER D 26 -30.15 3.40 -7.79
N ASP D 27 -30.91 3.75 -8.83
CA ASP D 27 -30.65 3.21 -10.16
C ASP D 27 -30.57 1.69 -10.10
N PHE D 28 -31.43 1.10 -9.29
CA PHE D 28 -31.45 -0.35 -9.10
C PHE D 28 -31.57 -1.18 -10.38
N PRO D 29 -32.55 -0.86 -11.21
CA PRO D 29 -32.79 -1.60 -12.45
C PRO D 29 -31.51 -1.73 -13.26
N ARG D 30 -30.88 -0.60 -13.55
CA ARG D 30 -29.65 -0.59 -14.33
C ARG D 30 -28.53 -1.39 -13.65
N LYS D 31 -28.30 -1.14 -12.37
CA LYS D 31 -27.25 -1.86 -11.66
C LYS D 31 -27.53 -3.36 -11.62
N ARG D 32 -28.81 -3.70 -11.55
CA ARG D 32 -29.23 -5.10 -11.51
C ARG D 32 -28.85 -5.75 -12.85
N GLN D 33 -29.09 -5.04 -13.94
CA GLN D 33 -28.78 -5.55 -15.27
C GLN D 33 -27.27 -5.71 -15.48
N GLU D 34 -26.50 -4.73 -15.04
CA GLU D 34 -25.06 -4.77 -15.19
C GLU D 34 -24.48 -5.96 -14.44
N ALA D 35 -25.20 -6.40 -13.40
CA ALA D 35 -24.74 -7.55 -12.61
C ALA D 35 -25.08 -8.83 -13.35
N VAL D 36 -26.29 -8.90 -13.88
CA VAL D 36 -26.75 -10.08 -14.63
C VAL D 36 -25.89 -10.24 -15.88
N ALA D 37 -25.59 -9.12 -16.53
CA ALA D 37 -24.79 -9.12 -17.75
C ALA D 37 -23.33 -9.41 -17.42
N GLY D 38 -22.97 -9.28 -16.14
CA GLY D 38 -21.60 -9.54 -15.73
C GLY D 38 -20.64 -8.40 -15.95
N ARG D 39 -21.15 -7.24 -16.35
CA ARG D 39 -20.27 -6.09 -16.58
C ARG D 39 -19.83 -5.48 -15.26
N ILE D 40 -20.75 -5.45 -14.28
CA ILE D 40 -20.45 -4.93 -12.95
C ILE D 40 -21.09 -5.85 -11.93
N PRO D 41 -20.46 -7.01 -11.68
CA PRO D 41 -20.98 -7.99 -10.72
C PRO D 41 -21.15 -7.49 -9.28
N ALA D 42 -20.25 -6.64 -8.80
CA ALA D 42 -20.34 -6.16 -7.43
C ALA D 42 -20.19 -4.66 -7.27
N ILE D 43 -20.76 -4.14 -6.18
CA ILE D 43 -20.70 -2.71 -5.86
C ILE D 43 -20.33 -2.52 -4.39
N PHE D 44 -19.59 -1.45 -4.10
CA PHE D 44 -19.15 -1.10 -2.75
C PHE D 44 -19.95 0.04 -2.16
N SER D 45 -20.09 0.04 -0.84
CA SER D 45 -20.82 1.11 -0.17
C SER D 45 -19.80 2.03 0.48
N PRO D 46 -20.23 3.22 0.91
CA PRO D 46 -19.30 4.14 1.56
C PRO D 46 -18.91 3.51 2.90
N ALA D 47 -17.96 4.11 3.59
CA ALA D 47 -17.47 3.58 4.86
C ALA D 47 -18.20 4.11 6.09
N PHE D 48 -18.25 3.29 7.14
CA PHE D 48 -18.86 3.71 8.40
C PHE D 48 -18.05 3.13 9.54
N TYR D 49 -18.33 3.55 10.78
CA TYR D 49 -17.54 3.10 11.92
C TYR D 49 -18.34 2.61 13.12
N THR D 50 -17.68 1.81 13.97
CA THR D 50 -18.32 1.28 15.18
C THR D 50 -18.40 2.33 16.28
N SER D 51 -17.48 3.29 16.25
CA SER D 51 -17.43 4.39 17.23
C SER D 51 -16.66 5.54 16.60
N ARG D 52 -16.61 6.69 17.27
CA ARG D 52 -15.90 7.84 16.68
C ARG D 52 -14.48 7.51 16.22
N TYR D 53 -13.82 6.61 16.93
CA TYR D 53 -12.47 6.21 16.57
C TYR D 53 -12.36 4.68 16.55
N GLY D 54 -13.44 4.02 16.14
CA GLY D 54 -13.45 2.57 16.09
C GLY D 54 -13.08 1.96 14.75
N TYR D 55 -13.55 0.74 14.51
CA TYR D 55 -13.27 0.05 13.27
C TYR D 55 -13.88 0.75 12.05
N LYS D 56 -13.18 0.70 10.92
CA LYS D 56 -13.67 1.30 9.69
C LYS D 56 -14.20 0.14 8.87
N MET D 57 -15.42 0.27 8.37
CA MET D 57 -16.06 -0.82 7.63
C MET D 57 -16.88 -0.33 6.44
N CYS D 58 -17.22 -1.25 5.54
CA CYS D 58 -18.08 -0.92 4.40
C CYS D 58 -18.75 -2.22 3.96
N LEU D 59 -19.68 -2.13 3.01
CA LEU D 59 -20.41 -3.30 2.54
C LEU D 59 -20.16 -3.54 1.06
N ARG D 60 -20.29 -4.80 0.64
CA ARG D 60 -20.09 -5.17 -0.75
C ARG D 60 -21.26 -6.07 -1.10
N ILE D 61 -21.89 -5.82 -2.26
CA ILE D 61 -23.03 -6.64 -2.65
C ILE D 61 -22.98 -7.06 -4.12
N TYR D 62 -23.43 -8.29 -4.38
CA TYR D 62 -23.52 -8.81 -5.74
C TYR D 62 -25.01 -8.94 -6.00
N LEU D 63 -25.55 -8.06 -6.83
CA LEU D 63 -26.97 -8.08 -7.12
C LEU D 63 -27.44 -9.37 -7.79
N ASN D 64 -26.51 -10.09 -8.43
CA ASN D 64 -26.90 -11.34 -9.06
C ASN D 64 -26.14 -12.51 -8.44
N GLY D 65 -25.54 -12.28 -7.28
CA GLY D 65 -24.84 -13.35 -6.58
C GLY D 65 -23.35 -13.58 -6.74
N ASP D 66 -22.77 -14.24 -5.74
CA ASP D 66 -21.35 -14.57 -5.71
C ASP D 66 -21.17 -15.98 -5.16
N GLY D 67 -20.15 -16.69 -5.65
CA GLY D 67 -19.89 -18.02 -5.17
C GLY D 67 -21.09 -18.94 -5.13
N THR D 68 -21.36 -19.50 -3.95
CA THR D 68 -22.49 -20.41 -3.81
C THR D 68 -23.84 -19.81 -4.13
N GLY D 69 -23.88 -18.48 -4.30
CA GLY D 69 -25.14 -17.82 -4.63
C GLY D 69 -25.20 -17.21 -6.02
N ARG D 70 -24.12 -17.38 -6.80
CA ARG D 70 -24.05 -16.81 -8.14
C ARG D 70 -25.25 -17.18 -9.02
N GLY D 71 -25.91 -16.15 -9.57
CA GLY D 71 -27.04 -16.37 -10.44
C GLY D 71 -28.36 -16.72 -9.75
N THR D 72 -28.30 -17.05 -8.47
CA THR D 72 -29.52 -17.42 -7.74
C THR D 72 -29.89 -16.49 -6.58
N HIS D 73 -28.88 -15.93 -5.92
CA HIS D 73 -29.15 -15.05 -4.79
C HIS D 73 -28.44 -13.72 -4.81
N LEU D 74 -28.92 -12.83 -3.95
CA LEU D 74 -28.34 -11.53 -3.73
C LEU D 74 -27.31 -11.88 -2.66
N SER D 75 -26.04 -11.64 -2.91
CA SER D 75 -25.00 -11.94 -1.93
C SER D 75 -24.54 -10.64 -1.27
N LEU D 76 -24.57 -10.60 0.06
CA LEU D 76 -24.20 -9.39 0.79
C LEU D 76 -23.01 -9.63 1.71
N PHE D 77 -21.92 -8.89 1.50
CA PHE D 77 -20.73 -9.06 2.32
C PHE D 77 -20.32 -7.82 3.12
N PHE D 78 -19.50 -8.07 4.13
CA PHE D 78 -19.00 -7.08 5.08
C PHE D 78 -17.49 -6.93 4.90
N VAL D 79 -17.00 -5.69 4.97
CA VAL D 79 -15.58 -5.44 4.79
C VAL D 79 -14.89 -4.65 5.90
N VAL D 80 -13.80 -5.20 6.42
CA VAL D 80 -13.04 -4.49 7.45
C VAL D 80 -11.99 -3.73 6.65
N MET D 81 -12.02 -2.40 6.77
CA MET D 81 -11.08 -1.54 6.05
C MET D 81 -9.98 -1.04 6.97
N LYS D 82 -8.87 -0.59 6.40
CA LYS D 82 -7.79 -0.07 7.21
C LYS D 82 -8.30 1.26 7.76
N GLY D 83 -8.38 1.36 9.08
CA GLY D 83 -8.87 2.57 9.70
C GLY D 83 -7.72 3.39 10.25
N PRO D 84 -7.96 4.68 10.56
CA PRO D 84 -6.94 5.59 11.09
C PRO D 84 -6.46 5.24 12.49
N ASN D 85 -7.27 4.47 13.21
CA ASN D 85 -6.93 4.11 14.59
C ASN D 85 -6.73 2.63 14.83
N ASP D 86 -6.57 1.85 13.76
CA ASP D 86 -6.40 0.41 13.92
C ASP D 86 -5.43 -0.02 15.01
N ALA D 87 -4.36 0.76 15.23
CA ALA D 87 -3.37 0.40 16.23
C ALA D 87 -3.94 0.38 17.64
N LEU D 88 -5.07 1.05 17.84
CA LEU D 88 -5.72 1.12 19.14
C LEU D 88 -6.82 0.07 19.35
N LEU D 89 -7.24 -0.61 18.29
CA LEU D 89 -8.32 -1.58 18.40
C LEU D 89 -7.90 -3.03 18.62
N ARG D 90 -8.83 -3.83 19.11
CA ARG D 90 -8.55 -5.24 19.37
C ARG D 90 -8.69 -6.02 18.07
N TRP D 91 -7.79 -6.96 17.86
CA TRP D 91 -7.82 -7.80 16.68
C TRP D 91 -7.73 -9.27 17.12
N PRO D 92 -8.37 -10.18 16.38
CA PRO D 92 -9.19 -9.93 15.18
C PRO D 92 -10.53 -9.27 15.46
N PHE D 93 -11.14 -8.70 14.43
CA PHE D 93 -12.45 -8.07 14.55
C PHE D 93 -13.36 -9.23 14.94
N ASN D 94 -14.13 -9.08 16.00
CA ASN D 94 -14.97 -10.20 16.42
C ASN D 94 -16.38 -9.78 16.85
N GLN D 95 -16.99 -8.87 16.11
CA GLN D 95 -18.34 -8.39 16.42
C GLN D 95 -19.38 -9.03 15.51
N LYS D 96 -20.54 -9.32 16.09
CA LYS D 96 -21.65 -9.90 15.35
C LYS D 96 -22.17 -8.82 14.41
N VAL D 97 -22.48 -9.19 13.18
CA VAL D 97 -22.99 -8.23 12.22
C VAL D 97 -24.33 -8.68 11.67
N THR D 98 -25.33 -7.81 11.76
CA THR D 98 -26.66 -8.10 11.25
C THR D 98 -26.83 -7.34 9.93
N LEU D 99 -27.32 -8.02 8.91
CA LEU D 99 -27.54 -7.46 7.58
C LEU D 99 -29.01 -7.52 7.21
N MET D 100 -29.51 -6.46 6.59
CA MET D 100 -30.93 -6.39 6.21
C MET D 100 -31.23 -5.78 4.85
N LEU D 101 -32.29 -6.27 4.23
CA LEU D 101 -32.80 -5.75 2.98
C LEU D 101 -34.17 -5.27 3.41
N LEU D 102 -34.31 -3.96 3.57
CA LEU D 102 -35.55 -3.38 4.06
C LEU D 102 -36.76 -3.46 3.16
N ASP D 103 -37.85 -3.98 3.72
CA ASP D 103 -39.12 -4.06 3.02
C ASP D 103 -39.67 -2.64 3.09
N GLN D 104 -39.87 -2.00 1.95
CA GLN D 104 -40.36 -0.64 1.98
C GLN D 104 -41.84 -0.58 2.32
N ASN D 105 -42.40 -1.76 2.59
CA ASN D 105 -43.79 -1.89 2.99
C ASN D 105 -43.76 -2.04 4.51
N ASN D 106 -42.54 -2.28 5.01
CA ASN D 106 -42.27 -2.46 6.43
C ASN D 106 -43.12 -3.56 7.06
N ARG D 107 -43.14 -4.72 6.42
CA ARG D 107 -43.92 -5.86 6.92
C ARG D 107 -43.05 -7.10 7.07
N GLU D 108 -42.08 -7.25 6.18
CA GLU D 108 -41.18 -8.40 6.23
C GLU D 108 -39.83 -8.06 5.62
N HIS D 109 -38.89 -7.64 6.47
CA HIS D 109 -37.55 -7.32 5.99
C HIS D 109 -36.78 -8.62 5.86
N VAL D 110 -35.79 -8.63 4.97
CA VAL D 110 -34.97 -9.81 4.82
C VAL D 110 -33.85 -9.54 5.82
N ILE D 111 -33.68 -10.44 6.76
CA ILE D 111 -32.67 -10.25 7.77
C ILE D 111 -31.85 -11.51 7.98
N ASP D 112 -30.59 -11.32 8.30
CA ASP D 112 -29.70 -12.42 8.58
C ASP D 112 -28.55 -11.78 9.34
N ALA D 113 -27.62 -12.60 9.83
CA ALA D 113 -26.51 -12.05 10.59
C ALA D 113 -25.43 -13.10 10.65
N PHE D 114 -24.21 -12.66 10.93
CA PHE D 114 -23.11 -13.60 11.02
C PHE D 114 -22.18 -13.31 12.18
N ARG D 115 -21.47 -14.35 12.59
CA ARG D 115 -20.47 -14.28 13.64
C ARG D 115 -19.17 -14.37 12.85
N PRO D 116 -18.26 -13.41 13.05
CA PRO D 116 -16.99 -13.43 12.33
C PRO D 116 -16.20 -14.71 12.61
N ASP D 117 -15.72 -15.35 11.56
CA ASP D 117 -14.92 -16.55 11.72
C ASP D 117 -13.51 -16.05 12.04
N VAL D 118 -13.14 -16.11 13.31
CA VAL D 118 -11.84 -15.65 13.80
C VAL D 118 -10.65 -16.20 13.02
N THR D 119 -10.87 -17.25 12.25
CA THR D 119 -9.77 -17.85 11.48
C THR D 119 -9.64 -17.32 10.06
N SER D 120 -10.59 -16.49 9.66
CA SER D 120 -10.56 -15.90 8.33
C SER D 120 -9.71 -14.65 8.32
N SER D 121 -8.98 -14.43 7.22
CA SER D 121 -8.14 -13.25 7.13
C SER D 121 -9.00 -11.98 6.98
N SER D 122 -10.30 -12.17 6.79
CA SER D 122 -11.20 -11.03 6.66
C SER D 122 -11.24 -10.18 7.94
N PHE D 123 -10.90 -10.78 9.07
CA PHE D 123 -10.98 -10.07 10.33
C PHE D 123 -9.68 -9.74 11.06
N GLN D 124 -8.55 -9.93 10.40
CA GLN D 124 -7.28 -9.62 11.03
C GLN D 124 -7.04 -8.13 10.79
N ARG D 125 -6.07 -7.54 11.48
CA ARG D 125 -5.81 -6.12 11.27
C ARG D 125 -5.40 -5.89 9.81
N PRO D 126 -6.07 -4.96 9.13
CA PRO D 126 -5.79 -4.65 7.73
C PRO D 126 -4.34 -4.24 7.42
N VAL D 127 -3.81 -4.82 6.34
CA VAL D 127 -2.47 -4.52 5.85
C VAL D 127 -2.68 -3.75 4.56
N ASN D 128 -3.57 -4.28 3.72
CA ASN D 128 -3.93 -3.63 2.47
C ASN D 128 -5.00 -2.61 2.86
N ASP D 129 -5.51 -1.86 1.90
CA ASP D 129 -6.53 -0.85 2.20
C ASP D 129 -7.79 -1.51 2.78
N MET D 130 -8.05 -2.75 2.37
CA MET D 130 -9.22 -3.52 2.82
C MET D 130 -8.88 -5.01 2.91
N ASN D 131 -9.64 -5.75 3.70
CA ASN D 131 -9.44 -7.19 3.81
C ASN D 131 -10.42 -7.88 2.88
N ILE D 132 -10.24 -9.18 2.69
CA ILE D 132 -11.14 -9.98 1.87
C ILE D 132 -12.48 -9.75 2.58
N ALA D 133 -13.58 -9.74 1.85
CA ALA D 133 -14.89 -9.54 2.45
C ALA D 133 -15.52 -10.88 2.85
N SER D 134 -16.43 -10.86 3.81
CA SER D 134 -17.11 -12.09 4.20
C SER D 134 -18.52 -11.74 4.65
N GLY D 135 -19.43 -12.72 4.61
CA GLY D 135 -20.79 -12.43 4.99
C GLY D 135 -21.78 -13.51 4.61
N CYS D 136 -22.82 -13.14 3.87
CA CYS D 136 -23.86 -14.07 3.50
C CYS D 136 -24.05 -14.22 1.98
N PRO D 137 -23.38 -15.22 1.36
CA PRO D 137 -23.51 -15.41 -0.09
C PRO D 137 -24.94 -15.74 -0.52
N LEU D 138 -25.69 -16.41 0.35
CA LEU D 138 -27.07 -16.77 0.05
C LEU D 138 -28.00 -15.92 0.90
N PHE D 139 -27.73 -14.62 0.93
CA PHE D 139 -28.51 -13.70 1.73
C PHE D 139 -29.99 -13.63 1.35
N CYS D 140 -30.27 -13.51 0.07
CA CYS D 140 -31.64 -13.36 -0.40
C CYS D 140 -31.84 -13.86 -1.83
N PRO D 141 -32.86 -14.70 -2.07
CA PRO D 141 -33.09 -15.20 -3.43
C PRO D 141 -33.43 -14.01 -4.34
N VAL D 142 -32.90 -14.01 -5.56
CA VAL D 142 -33.15 -12.93 -6.50
C VAL D 142 -34.65 -12.76 -6.76
N SER D 143 -35.36 -13.88 -6.77
CA SER D 143 -36.81 -13.87 -7.01
C SER D 143 -37.53 -13.04 -5.97
N LYS D 144 -37.25 -13.32 -4.70
CA LYS D 144 -37.90 -12.62 -3.61
C LYS D 144 -37.93 -11.13 -3.89
N MET D 145 -36.86 -10.42 -3.57
CA MET D 145 -36.82 -8.99 -3.86
C MET D 145 -36.57 -8.89 -5.35
N GLU D 146 -36.11 -7.73 -5.81
CA GLU D 146 -35.81 -7.52 -7.23
C GLU D 146 -36.99 -7.76 -8.17
N ALA D 147 -37.36 -9.03 -8.35
CA ALA D 147 -38.46 -9.42 -9.25
C ALA D 147 -39.74 -8.63 -9.05
N LYS D 148 -39.78 -7.82 -8.00
CA LYS D 148 -40.92 -6.97 -7.67
C LYS D 148 -41.02 -6.84 -6.15
N ASN D 149 -42.12 -7.34 -5.60
CA ASN D 149 -42.33 -7.27 -4.15
C ASN D 149 -42.17 -5.84 -3.68
N SER D 150 -42.03 -5.65 -2.36
CA SER D 150 -41.91 -4.33 -1.82
C SER D 150 -40.51 -3.90 -1.36
N TYR D 151 -39.48 -4.59 -1.83
CA TYR D 151 -38.11 -4.23 -1.47
C TYR D 151 -37.59 -3.15 -2.42
N VAL D 152 -37.98 -3.25 -3.69
CA VAL D 152 -37.58 -2.27 -4.68
C VAL D 152 -38.74 -1.30 -4.89
N ARG D 153 -38.52 -0.03 -4.61
CA ARG D 153 -39.58 0.96 -4.81
C ARG D 153 -38.97 2.23 -5.41
N ASP D 154 -39.59 2.72 -6.48
CA ASP D 154 -39.09 3.90 -7.17
C ASP D 154 -37.64 3.68 -7.58
N ASP D 155 -37.37 2.46 -8.05
CA ASP D 155 -36.07 2.02 -8.54
C ASP D 155 -34.91 2.15 -7.54
N ALA D 156 -35.16 1.77 -6.29
CA ALA D 156 -34.14 1.84 -5.25
C ALA D 156 -34.42 0.87 -4.13
N ILE D 157 -33.35 0.42 -3.46
CA ILE D 157 -33.51 -0.48 -2.32
C ILE D 157 -32.65 0.08 -1.19
N PHE D 158 -32.93 -0.37 0.03
CA PHE D 158 -32.17 0.07 1.20
C PHE D 158 -31.59 -1.13 1.91
N ILE D 159 -30.27 -1.13 2.05
CA ILE D 159 -29.56 -2.20 2.75
C ILE D 159 -29.19 -1.63 4.10
N LYS D 160 -29.40 -2.39 5.16
CA LYS D 160 -29.06 -1.90 6.50
C LYS D 160 -28.11 -2.87 7.20
N ALA D 161 -27.15 -2.31 7.92
CA ALA D 161 -26.18 -3.09 8.66
C ALA D 161 -26.13 -2.60 10.09
N ILE D 162 -26.05 -3.53 11.02
CA ILE D 162 -25.98 -3.21 12.43
C ILE D 162 -24.86 -4.06 13.02
N VAL D 163 -23.78 -3.39 13.43
CA VAL D 163 -22.63 -4.07 14.02
C VAL D 163 -22.84 -4.06 15.53
N ASP D 164 -22.91 -5.26 16.11
CA ASP D 164 -23.10 -5.38 17.55
C ASP D 164 -21.87 -4.79 18.23
N LEU D 165 -22.10 -3.93 19.22
CA LEU D 165 -21.00 -3.27 19.91
C LEU D 165 -20.62 -3.89 21.25
N THR D 166 -21.11 -5.08 21.52
CA THR D 166 -20.80 -5.74 22.78
C THR D 166 -19.30 -5.90 22.97
N GLY D 167 -18.80 -5.43 24.11
CA GLY D 167 -17.39 -5.54 24.40
C GLY D 167 -16.55 -4.38 23.90
N LEU D 168 -17.17 -3.42 23.24
CA LEU D 168 -16.46 -2.24 22.74
C LEU D 168 -16.82 -1.02 23.58
N ALA E 1 -9.30 30.20 -0.56
CA ALA E 1 -10.59 30.08 -1.29
C ALA E 1 -10.94 28.59 -1.36
N MET E 2 -10.16 27.85 -2.12
CA MET E 2 -10.34 26.43 -2.22
C MET E 2 -9.60 25.94 -0.99
N ALA E 3 -8.54 26.68 -0.65
CA ALA E 3 -7.74 26.37 0.52
C ALA E 3 -8.60 26.58 1.76
N ASP E 4 -9.48 27.58 1.69
CA ASP E 4 -10.37 27.89 2.80
C ASP E 4 -11.38 26.74 2.96
N LEU E 5 -11.92 26.26 1.84
CA LEU E 5 -12.89 25.17 1.86
C LEU E 5 -12.20 23.89 2.36
N GLU E 6 -10.97 23.66 1.90
CA GLU E 6 -10.21 22.48 2.32
C GLU E 6 -10.06 22.52 3.84
N GLN E 7 -9.69 23.69 4.36
CA GLN E 7 -9.51 23.87 5.80
C GLN E 7 -10.78 23.57 6.58
N LYS E 8 -11.91 24.12 6.13
CA LYS E 8 -13.17 23.88 6.82
C LYS E 8 -13.52 22.39 6.83
N VAL E 9 -13.28 21.71 5.72
CA VAL E 9 -13.57 20.28 5.65
C VAL E 9 -12.69 19.49 6.60
N LEU E 10 -11.42 19.87 6.72
CA LEU E 10 -10.51 19.18 7.63
C LEU E 10 -10.98 19.35 9.07
N GLU E 11 -11.37 20.57 9.44
CA GLU E 11 -11.85 20.85 10.79
C GLU E 11 -13.07 20.02 11.09
N MET E 12 -14.02 20.03 10.16
CA MET E 12 -15.25 19.27 10.30
C MET E 12 -14.93 17.79 10.47
N GLU E 13 -13.97 17.31 9.69
CA GLU E 13 -13.56 15.92 9.72
C GLU E 13 -12.99 15.45 11.07
N ALA E 14 -12.29 16.32 11.77
CA ALA E 14 -11.69 15.96 13.03
C ALA E 14 -12.54 16.30 14.25
N SER E 15 -13.56 17.14 14.06
CA SER E 15 -14.39 17.55 15.18
C SER E 15 -15.22 16.44 15.83
N THR E 16 -15.42 16.56 17.14
CA THR E 16 -16.25 15.62 17.88
C THR E 16 -17.14 16.50 18.74
N TYR E 17 -18.28 15.98 19.15
CA TYR E 17 -19.18 16.79 19.96
C TYR E 17 -19.62 16.15 21.27
N ASP E 18 -18.77 15.28 21.82
CA ASP E 18 -19.09 14.62 23.08
C ASP E 18 -18.01 14.82 24.14
N GLY E 19 -17.13 15.79 23.92
CA GLY E 19 -16.07 16.06 24.88
C GLY E 19 -14.94 15.05 24.87
N VAL E 20 -14.96 14.11 23.94
CA VAL E 20 -13.91 13.10 23.85
C VAL E 20 -13.15 13.29 22.54
N PHE E 21 -11.83 13.38 22.64
CA PHE E 21 -11.01 13.61 21.47
C PHE E 21 -9.77 12.74 21.47
N ILE E 22 -9.44 12.19 20.30
CA ILE E 22 -8.24 11.40 20.15
C ILE E 22 -7.44 12.06 19.06
N TRP E 23 -6.25 12.54 19.43
CA TRP E 23 -5.36 13.25 18.52
C TRP E 23 -4.20 12.38 18.06
N LYS E 24 -4.21 11.99 16.79
CA LYS E 24 -3.14 11.17 16.26
C LYS E 24 -2.06 12.07 15.70
N ILE E 25 -0.86 11.98 16.28
CA ILE E 25 0.26 12.79 15.85
C ILE E 25 1.24 11.94 15.05
N SER E 26 1.20 12.09 13.73
CA SER E 26 2.07 11.34 12.82
C SER E 26 3.40 12.06 12.63
N ASP E 27 4.32 11.44 11.90
CA ASP E 27 5.65 12.04 11.68
C ASP E 27 6.23 12.46 13.01
N PHE E 28 6.06 11.61 14.01
CA PHE E 28 6.55 11.90 15.35
C PHE E 28 8.02 12.25 15.45
N PRO E 29 8.87 11.38 14.90
CA PRO E 29 10.32 11.59 14.94
C PRO E 29 10.73 12.98 14.50
N ARG E 30 10.26 13.40 13.34
CA ARG E 30 10.59 14.71 12.81
C ARG E 30 10.08 15.82 13.73
N LYS E 31 8.82 15.73 14.15
CA LYS E 31 8.24 16.75 15.03
C LYS E 31 8.97 16.81 16.37
N ARG E 32 9.42 15.65 16.83
CA ARG E 32 10.13 15.55 18.09
C ARG E 32 11.45 16.32 17.97
N GLN E 33 12.12 16.14 16.84
CA GLN E 33 13.39 16.82 16.57
C GLN E 33 13.22 18.34 16.50
N GLU E 34 12.17 18.78 15.80
CA GLU E 34 11.92 20.20 15.64
C GLU E 34 11.66 20.86 16.98
N ALA E 35 11.18 20.06 17.94
CA ALA E 35 10.91 20.56 19.29
C ALA E 35 12.22 20.65 20.07
N VAL E 36 13.04 19.61 19.93
CA VAL E 36 14.32 19.57 20.61
C VAL E 36 15.21 20.70 20.07
N ALA E 37 15.20 20.85 18.75
CA ALA E 37 15.99 21.87 18.07
C ALA E 37 15.45 23.26 18.38
N GLY E 38 14.19 23.32 18.81
CA GLY E 38 13.59 24.60 19.15
C GLY E 38 12.98 25.33 17.96
N ARG E 39 12.97 24.69 16.80
CA ARG E 39 12.40 25.33 15.62
C ARG E 39 10.89 25.38 15.72
N ILE E 40 10.30 24.35 16.31
CA ILE E 40 8.85 24.29 16.50
C ILE E 40 8.61 23.67 17.88
N PRO E 41 8.59 24.49 18.92
CA PRO E 41 8.39 24.03 20.30
C PRO E 41 7.04 23.36 20.55
N ALA E 42 5.98 23.95 20.02
CA ALA E 42 4.64 23.41 20.23
C ALA E 42 3.83 23.18 18.97
N ILE E 43 2.78 22.38 19.12
CA ILE E 43 1.88 22.05 18.02
C ILE E 43 0.44 22.05 18.56
N PHE E 44 -0.50 22.53 17.74
CA PHE E 44 -1.91 22.60 18.08
C PHE E 44 -2.70 21.47 17.45
N SER E 45 -3.81 21.08 18.08
CA SER E 45 -4.64 20.01 17.54
C SER E 45 -5.89 20.65 16.98
N PRO E 46 -6.68 19.88 16.21
CA PRO E 46 -7.92 20.41 15.64
C PRO E 46 -8.88 20.65 16.81
N ALA E 47 -9.97 21.34 16.55
CA ALA E 47 -10.95 21.65 17.59
C ALA E 47 -12.02 20.58 17.78
N PHE E 48 -12.53 20.48 19.00
CA PHE E 48 -13.61 19.55 19.32
C PHE E 48 -14.54 20.25 20.31
N TYR E 49 -15.68 19.63 20.63
CA TYR E 49 -16.65 20.27 21.49
C TYR E 49 -17.21 19.37 22.59
N THR E 50 -17.79 19.99 23.62
CA THR E 50 -18.38 19.27 24.75
C THR E 50 -19.78 18.74 24.42
N SER E 51 -20.45 19.41 23.48
CA SER E 51 -21.78 19.02 23.03
C SER E 51 -21.98 19.67 21.67
N ARG E 52 -23.05 19.30 20.95
CA ARG E 52 -23.27 19.86 19.63
C ARG E 52 -23.16 21.38 19.57
N TYR E 53 -23.56 22.06 20.64
CA TYR E 53 -23.46 23.52 20.69
C TYR E 53 -22.77 23.94 21.99
N GLY E 54 -21.78 23.15 22.41
CA GLY E 54 -21.06 23.44 23.64
C GLY E 54 -19.78 24.22 23.47
N TYR E 55 -18.88 24.08 24.45
CA TYR E 55 -17.60 24.76 24.41
C TYR E 55 -16.72 24.26 23.26
N LYS E 56 -15.95 25.16 22.67
CA LYS E 56 -15.05 24.79 21.59
C LYS E 56 -13.67 24.73 22.25
N MET E 57 -12.96 23.63 22.01
CA MET E 57 -11.66 23.41 22.65
C MET E 57 -10.65 22.74 21.73
N CYS E 58 -9.38 22.80 22.11
CA CYS E 58 -8.34 22.11 21.36
C CYS E 58 -7.21 21.84 22.33
N LEU E 59 -6.19 21.10 21.87
CA LEU E 59 -5.06 20.76 22.71
C LEU E 59 -3.78 21.36 22.15
N ARG E 60 -2.79 21.55 23.02
CA ARG E 60 -1.52 22.09 22.61
C ARG E 60 -0.47 21.29 23.34
N ILE E 61 0.56 20.86 22.61
CA ILE E 61 1.59 20.04 23.22
C ILE E 61 3.02 20.46 22.87
N TYR E 62 3.92 20.34 23.84
CA TYR E 62 5.33 20.63 23.64
C TYR E 62 6.01 19.28 23.76
N LEU E 63 6.45 18.72 22.65
CA LEU E 63 7.10 17.42 22.66
C LEU E 63 8.40 17.40 23.47
N ASN E 64 9.01 18.56 23.69
CA ASN E 64 10.23 18.59 24.49
C ASN E 64 10.04 19.43 25.74
N GLY E 65 8.79 19.75 26.06
CA GLY E 65 8.51 20.51 27.28
C GLY E 65 8.33 22.01 27.27
N ASP E 66 7.60 22.49 28.27
CA ASP E 66 7.34 23.92 28.44
C ASP E 66 7.46 24.31 29.91
N GLY E 67 7.90 25.54 30.16
CA GLY E 67 8.03 26.00 31.53
C GLY E 67 8.73 25.04 32.46
N THR E 68 8.05 24.67 33.54
CA THR E 68 8.64 23.75 34.52
C THR E 68 9.05 22.41 33.94
N GLY E 69 8.59 22.08 32.73
CA GLY E 69 8.95 20.82 32.12
C GLY E 69 9.86 20.92 30.90
N ARG E 70 10.32 22.12 30.58
CA ARG E 70 11.19 22.33 29.42
C ARG E 70 12.43 21.44 29.41
N GLY E 71 12.61 20.69 28.33
CA GLY E 71 13.77 19.83 28.20
C GLY E 71 13.69 18.51 28.96
N THR E 72 12.72 18.37 29.85
CA THR E 72 12.60 17.15 30.64
C THR E 72 11.31 16.36 30.44
N HIS E 73 10.21 17.06 30.20
CA HIS E 73 8.93 16.37 30.02
C HIS E 73 8.14 16.77 28.79
N LEU E 74 7.15 15.96 28.50
CA LEU E 74 6.21 16.21 27.41
C LEU E 74 5.19 17.06 28.16
N SER E 75 4.93 18.27 27.67
CA SER E 75 3.96 19.14 28.32
C SER E 75 2.67 19.17 27.49
N LEU E 76 1.55 18.85 28.14
CA LEU E 76 0.27 18.80 27.44
C LEU E 76 -0.72 19.83 27.99
N PHE E 77 -1.20 20.72 27.13
CA PHE E 77 -2.16 21.75 27.57
C PHE E 77 -3.50 21.71 26.85
N PHE E 78 -4.47 22.32 27.52
CA PHE E 78 -5.86 22.40 27.09
C PHE E 78 -6.19 23.85 26.72
N VAL E 79 -6.94 24.05 25.65
CA VAL E 79 -7.29 25.39 25.21
C VAL E 79 -8.78 25.66 25.01
N VAL E 80 -9.28 26.73 25.62
CA VAL E 80 -10.67 27.10 25.43
C VAL E 80 -10.65 28.11 24.28
N MET E 81 -11.36 27.77 23.20
CA MET E 81 -11.42 28.61 22.03
C MET E 81 -12.73 29.38 21.95
N LYS E 82 -12.75 30.48 21.20
CA LYS E 82 -13.99 31.23 21.05
C LYS E 82 -14.91 30.35 20.23
N GLY E 83 -16.05 30.01 20.82
CA GLY E 83 -17.01 29.16 20.15
C GLY E 83 -18.17 29.97 19.62
N PRO E 84 -18.88 29.44 18.62
CA PRO E 84 -20.02 30.12 18.00
C PRO E 84 -21.22 30.31 18.93
N ASN E 85 -21.24 29.58 20.04
CA ASN E 85 -22.36 29.68 20.98
C ASN E 85 -21.94 30.12 22.37
N ASP E 86 -20.75 30.67 22.50
CA ASP E 86 -20.26 31.07 23.83
C ASP E 86 -21.28 31.87 24.64
N ALA E 87 -22.06 32.71 23.97
CA ALA E 87 -23.05 33.54 24.65
C ALA E 87 -24.06 32.71 25.43
N LEU E 88 -24.21 31.45 25.06
CA LEU E 88 -25.16 30.56 25.72
C LEU E 88 -24.56 29.69 26.83
N LEU E 89 -23.23 29.64 26.91
CA LEU E 89 -22.58 28.79 27.91
C LEU E 89 -22.27 29.47 29.22
N ARG E 90 -22.01 28.65 30.25
CA ARG E 90 -21.70 29.17 31.57
C ARG E 90 -20.20 29.47 31.64
N TRP E 91 -19.86 30.59 32.26
CA TRP E 91 -18.46 30.97 32.42
C TRP E 91 -18.16 31.32 33.87
N PRO E 92 -16.95 31.04 34.34
CA PRO E 92 -15.82 30.43 33.64
C PRO E 92 -16.01 28.94 33.34
N PHE E 93 -15.21 28.43 32.40
CA PHE E 93 -15.25 27.02 32.05
C PHE E 93 -14.78 26.33 33.32
N ASN E 94 -15.52 25.33 33.80
CA ASN E 94 -15.12 24.68 35.04
C ASN E 94 -15.26 23.16 35.03
N GLN E 95 -14.99 22.54 33.88
CA GLN E 95 -15.09 21.08 33.75
C GLN E 95 -13.74 20.39 33.96
N LYS E 96 -13.77 19.22 34.60
CA LYS E 96 -12.55 18.45 34.82
C LYS E 96 -12.10 17.95 33.46
N VAL E 97 -10.79 17.89 33.25
CA VAL E 97 -10.26 17.42 32.00
C VAL E 97 -9.19 16.36 32.22
N THR E 98 -9.41 15.21 31.59
CA THR E 98 -8.47 14.10 31.69
C THR E 98 -7.67 14.04 30.39
N LEU E 99 -6.35 13.90 30.53
CA LEU E 99 -5.44 13.84 29.39
C LEU E 99 -4.68 12.52 29.40
N MET E 100 -4.48 11.93 28.21
CA MET E 100 -3.78 10.65 28.13
C MET E 100 -2.84 10.50 26.94
N LEU E 101 -1.78 9.73 27.16
CA LEU E 101 -0.81 9.40 26.12
C LEU E 101 -1.03 7.88 26.05
N LEU E 102 -1.69 7.44 24.99
CA LEU E 102 -2.03 6.04 24.85
C LEU E 102 -0.89 5.06 24.61
N ASP E 103 -0.89 4.00 25.39
CA ASP E 103 0.08 2.92 25.25
C ASP E 103 -0.49 2.11 24.09
N GLN E 104 0.27 1.96 23.02
CA GLN E 104 -0.24 1.22 21.89
C GLN E 104 -0.14 -0.28 22.14
N ASN E 105 0.32 -0.60 23.34
CA ASN E 105 0.46 -1.98 23.78
C ASN E 105 -0.78 -2.20 24.67
N ASN E 106 -1.42 -1.08 25.01
CA ASN E 106 -2.62 -1.07 25.84
C ASN E 106 -2.39 -1.78 27.18
N ARG E 107 -1.28 -1.44 27.84
CA ARG E 107 -0.96 -2.04 29.13
C ARG E 107 -0.82 -0.97 30.21
N GLU E 108 -0.26 0.17 29.83
CA GLU E 108 -0.06 1.26 30.78
C GLU E 108 -0.10 2.62 30.08
N HIS E 109 -1.26 3.24 30.05
CA HIS E 109 -1.40 4.55 29.43
C HIS E 109 -0.90 5.59 30.43
N VAL E 110 -0.39 6.69 29.92
CA VAL E 110 0.05 7.76 30.81
C VAL E 110 -1.23 8.57 30.96
N ILE E 111 -1.68 8.73 32.20
CA ILE E 111 -2.89 9.49 32.44
C ILE E 111 -2.72 10.50 33.54
N ASP E 112 -3.41 11.63 33.39
CA ASP E 112 -3.37 12.68 34.40
C ASP E 112 -4.63 13.48 34.13
N ALA E 113 -4.96 14.41 35.01
CA ALA E 113 -6.16 15.21 34.83
C ALA E 113 -6.05 16.48 35.66
N PHE E 114 -6.82 17.48 35.30
CA PHE E 114 -6.79 18.73 36.04
C PHE E 114 -8.17 19.33 36.27
N ARG E 115 -8.25 20.15 37.30
CA ARG E 115 -9.44 20.89 37.67
C ARG E 115 -9.13 22.30 37.23
N PRO E 116 -10.01 22.92 36.46
CA PRO E 116 -9.76 24.29 36.02
C PRO E 116 -9.65 25.28 37.18
N ASP E 117 -8.56 26.05 37.20
CA ASP E 117 -8.39 27.07 38.23
C ASP E 117 -9.25 28.25 37.78
N VAL E 118 -10.45 28.40 38.34
CA VAL E 118 -11.33 29.50 37.95
C VAL E 118 -10.76 30.91 38.10
N THR E 119 -9.54 31.02 38.61
CA THR E 119 -8.94 32.34 38.77
C THR E 119 -8.03 32.62 37.58
N SER E 120 -7.85 31.62 36.74
CA SER E 120 -7.02 31.73 35.55
C SER E 120 -7.82 32.26 34.36
N SER E 121 -7.20 33.15 33.58
CA SER E 121 -7.89 33.70 32.42
C SER E 121 -8.08 32.64 31.35
N SER E 122 -7.45 31.48 31.53
CA SER E 122 -7.59 30.39 30.57
C SER E 122 -9.04 29.94 30.44
N PHE E 123 -9.83 30.18 31.49
CA PHE E 123 -11.21 29.72 31.51
C PHE E 123 -12.33 30.75 31.46
N GLN E 124 -11.99 32.01 31.22
CA GLN E 124 -13.01 33.03 31.15
C GLN E 124 -13.55 32.99 29.71
N ARG E 125 -14.67 33.65 29.45
CA ARG E 125 -15.22 33.65 28.09
C ARG E 125 -14.19 34.24 27.14
N PRO E 126 -13.88 33.50 26.05
CA PRO E 126 -12.89 33.99 25.08
C PRO E 126 -13.21 35.33 24.42
N VAL E 127 -12.19 36.19 24.39
CA VAL E 127 -12.28 37.51 23.78
C VAL E 127 -11.48 37.41 22.49
N ASN E 128 -10.28 36.85 22.60
CA ASN E 128 -9.43 36.63 21.44
C ASN E 128 -9.95 35.32 20.82
N ASP E 129 -9.29 34.83 19.79
CA ASP E 129 -9.73 33.59 19.15
C ASP E 129 -9.58 32.40 20.09
N MET E 130 -8.59 32.47 20.98
CA MET E 130 -8.30 31.41 21.96
C MET E 130 -7.81 32.06 23.25
N ASN E 131 -7.95 31.36 24.37
CA ASN E 131 -7.44 31.86 25.63
C ASN E 131 -6.07 31.22 25.82
N ILE E 132 -5.34 31.75 26.79
CA ILE E 132 -4.03 31.21 27.15
C ILE E 132 -4.33 29.73 27.51
N ALA E 133 -3.41 28.83 27.20
CA ALA E 133 -3.62 27.42 27.50
C ALA E 133 -3.24 27.04 28.92
N SER E 134 -3.86 25.98 29.43
CA SER E 134 -3.61 25.51 30.78
C SER E 134 -3.61 23.98 30.80
N GLY E 135 -2.86 23.38 31.72
CA GLY E 135 -2.80 21.94 31.76
C GLY E 135 -1.73 21.31 32.62
N CYS E 136 -1.01 20.35 32.05
CA CYS E 136 0.01 19.61 32.77
C CYS E 136 1.40 19.77 32.17
N PRO E 137 2.20 20.73 32.66
CA PRO E 137 3.55 20.91 32.12
C PRO E 137 4.44 19.70 32.35
N LEU E 138 4.21 18.99 33.44
CA LEU E 138 5.00 17.79 33.76
C LEU E 138 4.14 16.56 33.49
N PHE E 139 3.48 16.55 32.35
CA PHE E 139 2.60 15.44 32.01
C PHE E 139 3.30 14.10 31.91
N CYS E 140 4.43 14.08 31.20
CA CYS E 140 5.14 12.83 30.96
C CYS E 140 6.63 13.03 30.70
N PRO E 141 7.50 12.26 31.39
CA PRO E 141 8.94 12.39 31.18
C PRO E 141 9.27 11.99 29.73
N VAL E 142 10.14 12.76 29.09
CA VAL E 142 10.51 12.46 27.71
C VAL E 142 11.12 11.07 27.56
N SER E 143 11.79 10.61 28.61
CA SER E 143 12.42 9.30 28.59
C SER E 143 11.38 8.21 28.47
N LYS E 144 10.35 8.28 29.32
CA LYS E 144 9.29 7.27 29.33
C LYS E 144 8.87 6.99 27.90
N MET E 145 7.95 7.78 27.36
CA MET E 145 7.53 7.57 25.99
C MET E 145 8.70 8.03 25.13
N GLU E 146 8.42 8.48 23.92
CA GLU E 146 9.48 8.97 23.03
C GLU E 146 10.64 7.99 22.84
N ALA E 147 11.55 7.98 23.82
CA ALA E 147 12.75 7.13 23.80
C ALA E 147 12.54 5.71 23.27
N LYS E 148 11.27 5.31 23.16
CA LYS E 148 10.89 3.99 22.65
C LYS E 148 9.60 3.56 23.33
N ASN E 149 9.69 2.48 24.11
CA ASN E 149 8.53 1.97 24.81
C ASN E 149 7.42 1.73 23.80
N SER E 150 6.19 1.57 24.29
CA SER E 150 5.08 1.30 23.41
C SER E 150 4.13 2.47 23.15
N TYR E 151 4.59 3.70 23.37
CA TYR E 151 3.75 4.87 23.12
C TYR E 151 3.91 5.32 21.67
N VAL E 152 5.14 5.20 21.15
CA VAL E 152 5.40 5.57 19.77
C VAL E 152 5.39 4.29 18.94
N ARG E 153 4.50 4.23 17.96
CA ARG E 153 4.39 3.05 17.09
C ARG E 153 4.27 3.51 15.65
N ASP E 154 5.11 2.94 14.78
CA ASP E 154 5.10 3.32 13.37
C ASP E 154 5.14 4.84 13.24
N ASP E 155 6.04 5.44 14.00
CA ASP E 155 6.29 6.87 14.03
C ASP E 155 5.07 7.75 14.31
N ALA E 156 4.24 7.32 15.27
CA ALA E 156 3.05 8.08 15.63
C ALA E 156 2.64 7.81 17.07
N ILE E 157 1.96 8.77 17.68
CA ILE E 157 1.47 8.62 19.04
C ILE E 157 0.02 9.09 19.08
N PHE E 158 -0.72 8.67 20.09
CA PHE E 158 -2.11 9.09 20.23
C PHE E 158 -2.35 9.79 21.55
N ILE E 159 -2.84 11.02 21.48
CA ILE E 159 -3.14 11.79 22.67
C ILE E 159 -4.66 11.74 22.81
N LYS E 160 -5.15 11.45 24.02
CA LYS E 160 -6.59 11.40 24.22
C LYS E 160 -7.02 12.37 25.31
N ALA E 161 -8.16 13.01 25.10
CA ALA E 161 -8.69 13.97 26.06
C ALA E 161 -10.15 13.64 26.33
N ILE E 162 -10.53 13.72 27.59
CA ILE E 162 -11.89 13.45 28.01
C ILE E 162 -12.33 14.59 28.91
N VAL E 163 -13.28 15.39 28.43
CA VAL E 163 -13.80 16.50 29.20
C VAL E 163 -15.02 16.01 29.96
N ASP E 164 -14.95 16.05 31.29
CA ASP E 164 -16.07 15.61 32.12
C ASP E 164 -17.25 16.54 31.85
N LEU E 165 -18.43 15.96 31.63
CA LEU E 165 -19.61 16.75 31.30
C LEU E 165 -20.57 16.99 32.45
N THR E 166 -20.18 16.61 33.66
CA THR E 166 -21.03 16.81 34.81
C THR E 166 -21.50 18.26 34.90
N GLY E 167 -22.80 18.45 35.02
CA GLY E 167 -23.33 19.79 35.14
C GLY E 167 -23.69 20.46 33.81
N LEU E 168 -23.47 19.75 32.71
CA LEU E 168 -23.78 20.29 31.39
C LEU E 168 -24.98 19.54 30.79
N ALA F 1 -19.80 25.18 -9.58
CA ALA F 1 -19.38 23.82 -9.14
C ALA F 1 -18.71 23.90 -7.77
N MET F 2 -17.95 24.96 -7.54
CA MET F 2 -17.30 25.15 -6.26
C MET F 2 -18.39 25.64 -5.32
N ALA F 3 -19.30 26.45 -5.85
CA ALA F 3 -20.40 26.99 -5.08
C ALA F 3 -21.27 25.82 -4.59
N ASP F 4 -21.44 24.83 -5.45
CA ASP F 4 -22.22 23.65 -5.11
C ASP F 4 -21.57 22.91 -3.93
N LEU F 5 -20.26 22.70 -4.02
CA LEU F 5 -19.52 22.01 -2.97
C LEU F 5 -19.55 22.82 -1.68
N GLU F 6 -19.41 24.14 -1.79
CA GLU F 6 -19.44 25.00 -0.61
C GLU F 6 -20.79 24.87 0.09
N GLN F 7 -21.85 24.77 -0.70
CA GLN F 7 -23.20 24.65 -0.15
C GLN F 7 -23.39 23.35 0.63
N LYS F 8 -22.90 22.24 0.06
CA LYS F 8 -23.03 20.95 0.73
C LYS F 8 -22.29 20.96 2.07
N VAL F 9 -21.07 21.49 2.07
CA VAL F 9 -20.27 21.55 3.30
C VAL F 9 -20.97 22.38 4.38
N LEU F 10 -21.53 23.51 4.00
CA LEU F 10 -22.23 24.36 4.96
C LEU F 10 -23.44 23.61 5.51
N GLU F 11 -24.15 22.89 4.65
CA GLU F 11 -25.32 22.13 5.06
C GLU F 11 -24.89 21.06 6.06
N MET F 12 -23.83 20.36 5.71
CA MET F 12 -23.28 19.31 6.56
C MET F 12 -22.82 19.88 7.90
N GLU F 13 -22.23 21.07 7.83
CA GLU F 13 -21.71 21.74 9.01
C GLU F 13 -22.82 22.11 10.01
N ALA F 14 -24.00 22.45 9.52
CA ALA F 14 -25.10 22.85 10.38
C ALA F 14 -26.03 21.71 10.77
N SER F 15 -25.97 20.61 10.04
CA SER F 15 -26.87 19.49 10.31
C SER F 15 -26.68 18.84 11.67
N THR F 16 -27.78 18.35 12.25
CA THR F 16 -27.73 17.62 13.51
C THR F 16 -28.65 16.42 13.26
N TYR F 17 -28.45 15.35 14.01
CA TYR F 17 -29.26 14.16 13.80
C TYR F 17 -29.94 13.62 15.05
N ASP F 18 -30.27 14.49 15.99
CA ASP F 18 -30.93 14.04 17.21
C ASP F 18 -32.22 14.83 17.51
N GLY F 19 -32.71 15.55 16.49
CA GLY F 19 -33.93 16.31 16.64
C GLY F 19 -33.80 17.62 17.39
N VAL F 20 -32.58 17.97 17.78
CA VAL F 20 -32.32 19.22 18.48
C VAL F 20 -31.51 20.14 17.58
N PHE F 21 -31.99 21.36 17.43
CA PHE F 21 -31.34 22.32 16.56
C PHE F 21 -31.29 23.70 17.19
N ILE F 22 -30.14 24.36 17.06
CA ILE F 22 -30.00 25.71 17.56
C ILE F 22 -29.60 26.58 16.37
N TRP F 23 -30.46 27.54 16.05
CA TRP F 23 -30.27 28.43 14.92
C TRP F 23 -29.81 29.82 15.34
N LYS F 24 -28.55 30.12 15.09
CA LYS F 24 -28.01 31.44 15.44
C LYS F 24 -28.29 32.38 14.27
N ILE F 25 -29.06 33.42 14.52
CA ILE F 25 -29.39 34.39 13.48
C ILE F 25 -28.61 35.68 13.71
N SER F 26 -27.53 35.86 12.97
CA SER F 26 -26.68 37.04 13.07
C SER F 26 -27.22 38.18 12.21
N ASP F 27 -26.60 39.35 12.32
CA ASP F 27 -27.04 40.51 11.54
C ASP F 27 -28.53 40.75 11.78
N PHE F 28 -28.95 40.54 13.01
CA PHE F 28 -30.35 40.70 13.39
C PHE F 28 -30.98 42.04 13.05
N PRO F 29 -30.32 43.13 13.43
CA PRO F 29 -30.85 44.47 13.18
C PRO F 29 -31.22 44.70 11.71
N ARG F 30 -30.33 44.29 10.81
CA ARG F 30 -30.57 44.47 9.39
C ARG F 30 -31.72 43.58 8.91
N LYS F 31 -31.68 42.30 9.28
CA LYS F 31 -32.73 41.38 8.87
C LYS F 31 -34.09 41.78 9.43
N ARG F 32 -34.08 42.34 10.64
CA ARG F 32 -35.31 42.77 11.28
C ARG F 32 -35.92 43.89 10.45
N GLN F 33 -35.07 44.78 9.97
CA GLN F 33 -35.50 45.93 9.16
C GLN F 33 -35.98 45.49 7.78
N GLU F 34 -35.33 44.48 7.21
CA GLU F 34 -35.72 43.99 5.89
C GLU F 34 -37.10 43.34 5.98
N ALA F 35 -37.47 42.92 7.19
CA ALA F 35 -38.76 42.28 7.42
C ALA F 35 -39.83 43.34 7.64
N VAL F 36 -39.47 44.38 8.40
CA VAL F 36 -40.39 45.47 8.67
C VAL F 36 -40.70 46.20 7.37
N ALA F 37 -39.67 46.35 6.54
CA ALA F 37 -39.80 47.04 5.26
C ALA F 37 -40.53 46.17 4.23
N GLY F 38 -40.67 44.89 4.55
CA GLY F 38 -41.35 43.98 3.64
C GLY F 38 -40.50 43.46 2.50
N ARG F 39 -39.22 43.80 2.47
CA ARG F 39 -38.32 43.34 1.42
C ARG F 39 -37.99 41.86 1.57
N ILE F 40 -37.82 41.41 2.80
CA ILE F 40 -37.52 40.01 3.09
C ILE F 40 -38.35 39.66 4.31
N PRO F 41 -39.60 39.25 4.11
CA PRO F 41 -40.50 38.89 5.20
C PRO F 41 -40.05 37.70 6.02
N ALA F 42 -39.52 36.68 5.36
CA ALA F 42 -39.12 35.46 6.04
C ALA F 42 -37.73 34.95 5.69
N ILE F 43 -37.20 34.10 6.56
CA ILE F 43 -35.89 33.50 6.39
C ILE F 43 -35.93 32.01 6.78
N PHE F 44 -35.16 31.20 6.06
CA PHE F 44 -35.10 29.76 6.31
C PHE F 44 -33.84 29.38 7.04
N SER F 45 -33.90 28.30 7.81
CA SER F 45 -32.72 27.83 8.54
C SER F 45 -32.17 26.63 7.81
N PRO F 46 -30.95 26.21 8.17
CA PRO F 46 -30.36 25.04 7.52
C PRO F 46 -31.20 23.84 7.97
N ALA F 47 -30.95 22.67 7.39
CA ALA F 47 -31.70 21.48 7.73
C ALA F 47 -31.09 20.63 8.84
N PHE F 48 -31.96 19.93 9.56
CA PHE F 48 -31.52 19.03 10.63
C PHE F 48 -32.42 17.80 10.60
N TYR F 49 -32.07 16.75 11.34
CA TYR F 49 -32.82 15.51 11.32
C TYR F 49 -33.19 14.93 12.68
N THR F 50 -34.18 14.03 12.70
CA THR F 50 -34.61 13.40 13.94
C THR F 50 -33.71 12.24 14.36
N SER F 51 -33.04 11.64 13.40
CA SER F 51 -32.11 10.55 13.64
C SER F 51 -31.17 10.49 12.45
N ARG F 52 -30.14 9.64 12.49
CA ARG F 52 -29.20 9.60 11.37
C ARG F 52 -29.88 9.44 10.02
N TYR F 53 -30.98 8.69 9.98
CA TYR F 53 -31.71 8.49 8.72
C TYR F 53 -33.20 8.79 8.93
N GLY F 54 -33.50 9.78 9.75
CA GLY F 54 -34.89 10.13 10.02
C GLY F 54 -35.43 11.26 9.15
N TYR F 55 -36.44 11.95 9.67
CA TYR F 55 -37.08 13.04 8.94
C TYR F 55 -36.11 14.21 8.73
N LYS F 56 -36.27 14.91 7.60
CA LYS F 56 -35.44 16.07 7.30
C LYS F 56 -36.34 17.27 7.57
N MET F 57 -35.83 18.22 8.37
CA MET F 57 -36.64 19.37 8.74
C MET F 57 -35.83 20.67 8.77
N CYS F 58 -36.54 21.79 8.77
CA CYS F 58 -35.87 23.08 8.89
C CYS F 58 -36.88 24.05 9.50
N LEU F 59 -36.43 25.27 9.82
CA LEU F 59 -37.32 26.25 10.42
C LEU F 59 -37.48 27.48 9.52
N ARG F 60 -38.60 28.17 9.66
CA ARG F 60 -38.88 29.36 8.88
C ARG F 60 -39.41 30.39 9.86
N ILE F 61 -38.86 31.59 9.80
CA ILE F 61 -39.29 32.64 10.71
C ILE F 61 -39.58 33.97 10.04
N TYR F 62 -40.59 34.67 10.56
CA TYR F 62 -40.95 35.99 10.07
C TYR F 62 -40.62 36.93 11.23
N LEU F 63 -39.53 37.69 11.09
CA LEU F 63 -39.13 38.61 12.15
C LEU F 63 -40.17 39.67 12.48
N ASN F 64 -41.04 39.97 11.53
CA ASN F 64 -42.09 40.95 11.79
C ASN F 64 -43.49 40.32 11.69
N GLY F 65 -43.54 38.99 11.67
CA GLY F 65 -44.83 38.31 11.64
C GLY F 65 -45.48 37.83 10.37
N ASP F 66 -46.33 36.82 10.52
CA ASP F 66 -47.06 36.24 9.40
C ASP F 66 -48.51 35.99 9.79
N GLY F 67 -49.40 36.08 8.82
CA GLY F 67 -50.82 35.84 9.08
C GLY F 67 -51.36 36.54 10.31
N THR F 68 -51.93 35.77 11.22
CA THR F 68 -52.51 36.34 12.43
C THR F 68 -51.53 37.11 13.28
N GLY F 69 -50.24 37.03 12.95
CA GLY F 69 -49.23 37.75 13.73
C GLY F 69 -48.51 38.85 12.97
N ARG F 70 -48.89 39.06 11.71
CA ARG F 70 -48.25 40.08 10.88
C ARG F 70 -48.20 41.46 11.54
N GLY F 71 -46.98 42.01 11.65
CA GLY F 71 -46.81 43.33 12.24
C GLY F 71 -46.85 43.41 13.75
N THR F 72 -47.25 42.34 14.42
CA THR F 72 -47.33 42.34 15.88
C THR F 72 -46.43 41.31 16.57
N HIS F 73 -46.26 40.16 15.95
CA HIS F 73 -45.44 39.11 16.55
C HIS F 73 -44.35 38.55 15.67
N LEU F 74 -43.47 37.80 16.31
CA LEU F 74 -42.39 37.10 15.65
C LEU F 74 -43.10 35.76 15.40
N SER F 75 -43.18 35.34 14.14
CA SER F 75 -43.84 34.08 13.81
C SER F 75 -42.80 33.01 13.51
N LEU F 76 -42.88 31.88 14.20
CA LEU F 76 -41.91 30.80 14.02
C LEU F 76 -42.58 29.52 13.51
N PHE F 77 -42.14 29.05 12.35
CA PHE F 77 -42.72 27.85 11.76
C PHE F 77 -41.72 26.71 11.57
N PHE F 78 -42.28 25.51 11.41
CA PHE F 78 -41.56 24.26 11.25
C PHE F 78 -41.80 23.71 9.84
N VAL F 79 -40.76 23.18 9.20
CA VAL F 79 -40.91 22.65 7.86
C VAL F 79 -40.43 21.20 7.66
N VAL F 80 -41.31 20.37 7.11
CA VAL F 80 -40.91 18.99 6.83
C VAL F 80 -40.39 19.03 5.39
N MET F 81 -39.14 18.62 5.20
CA MET F 81 -38.52 18.63 3.89
C MET F 81 -38.44 17.22 3.32
N LYS F 82 -38.26 17.11 2.01
CA LYS F 82 -38.12 15.80 1.40
C LYS F 82 -36.78 15.26 1.84
N GLY F 83 -36.81 14.15 2.57
CA GLY F 83 -35.58 13.55 3.05
C GLY F 83 -35.19 12.39 2.18
N PRO F 84 -33.91 12.01 2.20
CA PRO F 84 -33.38 10.90 1.40
C PRO F 84 -33.93 9.53 1.81
N ASN F 85 -34.52 9.43 2.99
CA ASN F 85 -35.04 8.16 3.46
C ASN F 85 -36.54 8.19 3.73
N ASP F 86 -37.24 9.19 3.23
CA ASP F 86 -38.67 9.30 3.48
C ASP F 86 -39.46 7.99 3.27
N ALA F 87 -39.04 7.18 2.31
CA ALA F 87 -39.74 5.93 2.02
C ALA F 87 -39.73 4.97 3.21
N LEU F 88 -38.79 5.16 4.12
CA LEU F 88 -38.67 4.30 5.30
C LEU F 88 -39.37 4.83 6.56
N LEU F 89 -39.80 6.09 6.50
CA LEU F 89 -40.44 6.73 7.65
C LEU F 89 -41.95 6.64 7.71
N ARG F 90 -42.49 6.85 8.90
CA ARG F 90 -43.93 6.80 9.09
C ARG F 90 -44.55 8.14 8.70
N TRP F 91 -45.68 8.09 8.02
CA TRP F 91 -46.38 9.30 7.64
C TRP F 91 -47.84 9.19 8.05
N PRO F 92 -48.47 10.31 8.43
CA PRO F 92 -47.90 11.67 8.49
C PRO F 92 -46.91 11.89 9.63
N PHE F 93 -46.12 12.96 9.52
CA PHE F 93 -45.16 13.31 10.57
C PHE F 93 -46.05 13.65 11.75
N ASN F 94 -45.80 13.05 12.91
CA ASN F 94 -46.66 13.31 14.05
C ASN F 94 -45.93 13.48 15.38
N GLN F 95 -44.79 14.18 15.34
CA GLN F 95 -44.00 14.42 16.55
C GLN F 95 -44.25 15.81 17.12
N LYS F 96 -44.25 15.89 18.44
CA LYS F 96 -44.44 17.16 19.12
C LYS F 96 -43.19 17.98 18.85
N VAL F 97 -43.36 19.28 18.66
CA VAL F 97 -42.21 20.14 18.40
C VAL F 97 -42.21 21.33 19.34
N THR F 98 -41.11 21.51 20.07
CA THR F 98 -40.95 22.62 21.00
C THR F 98 -40.05 23.65 20.34
N LEU F 99 -40.46 24.91 20.41
CA LEU F 99 -39.72 26.02 19.80
C LEU F 99 -39.32 27.03 20.87
N MET F 100 -38.12 27.60 20.74
CA MET F 100 -37.64 28.56 21.73
C MET F 100 -36.84 29.74 21.17
N LEU F 101 -36.97 30.87 21.87
CA LEU F 101 -36.21 32.08 21.57
C LEU F 101 -35.41 32.20 22.86
N LEU F 102 -34.13 31.86 22.78
CA LEU F 102 -33.29 31.87 23.95
C LEU F 102 -32.95 33.22 24.56
N ASP F 103 -33.13 33.29 25.88
CA ASP F 103 -32.80 34.49 26.64
C ASP F 103 -31.29 34.36 26.83
N GLN F 104 -30.53 35.34 26.36
CA GLN F 104 -29.09 35.23 26.50
C GLN F 104 -28.65 35.61 27.91
N ASN F 105 -29.63 35.88 28.76
CA ASN F 105 -29.40 36.21 30.15
C ASN F 105 -29.69 34.91 30.89
N ASN F 106 -30.35 34.00 30.16
CA ASN F 106 -30.73 32.68 30.66
C ASN F 106 -31.62 32.73 31.91
N ARG F 107 -32.63 33.60 31.88
CA ARG F 107 -33.55 33.73 33.01
C ARG F 107 -34.99 33.45 32.58
N GLU F 108 -35.32 33.81 31.34
CA GLU F 108 -36.67 33.60 30.84
C GLU F 108 -36.69 33.44 29.33
N HIS F 109 -36.59 32.20 28.87
CA HIS F 109 -36.64 31.94 27.43
C HIS F 109 -38.08 31.99 26.99
N VAL F 110 -38.30 32.30 25.73
CA VAL F 110 -39.65 32.32 25.20
C VAL F 110 -39.79 30.89 24.70
N ILE F 111 -40.81 30.19 25.16
CA ILE F 111 -41.00 28.82 24.73
C ILE F 111 -42.45 28.52 24.42
N ASP F 112 -42.64 27.66 23.43
CA ASP F 112 -43.97 27.23 23.05
C ASP F 112 -43.76 25.89 22.35
N ALA F 113 -44.85 25.25 21.96
CA ALA F 113 -44.74 23.96 21.32
C ALA F 113 -46.05 23.63 20.64
N PHE F 114 -45.99 22.76 19.64
CA PHE F 114 -47.21 22.39 18.95
C PHE F 114 -47.27 20.90 18.67
N ARG F 115 -48.49 20.42 18.48
CA ARG F 115 -48.79 19.04 18.14
C ARG F 115 -49.15 19.13 16.67
N PRO F 116 -48.52 18.33 15.83
CA PRO F 116 -48.83 18.37 14.40
C PRO F 116 -50.29 18.03 14.12
N ASP F 117 -50.96 18.89 13.35
CA ASP F 117 -52.35 18.62 12.99
C ASP F 117 -52.28 17.61 11.85
N VAL F 118 -52.53 16.35 12.14
CA VAL F 118 -52.48 15.26 11.16
C VAL F 118 -53.31 15.50 9.90
N THR F 119 -54.16 16.54 9.91
CA THR F 119 -54.98 16.80 8.73
C THR F 119 -54.37 17.84 7.80
N SER F 120 -53.27 18.45 8.24
CA SER F 120 -52.60 19.46 7.45
C SER F 120 -51.62 18.84 6.47
N SER F 121 -51.54 19.40 5.27
CA SER F 121 -50.62 18.88 4.27
C SER F 121 -49.17 19.10 4.70
N SER F 122 -48.98 19.92 5.74
CA SER F 122 -47.64 20.19 6.23
C SER F 122 -46.92 18.92 6.67
N PHE F 123 -47.68 17.92 7.10
CA PHE F 123 -47.08 16.70 7.62
C PHE F 123 -47.21 15.42 6.80
N GLN F 124 -47.67 15.52 5.56
CA GLN F 124 -47.79 14.32 4.74
C GLN F 124 -46.41 14.12 4.11
N ARG F 125 -46.18 12.95 3.52
CA ARG F 125 -44.87 12.71 2.90
C ARG F 125 -44.64 13.75 1.79
N PRO F 126 -43.49 14.43 1.83
CA PRO F 126 -43.16 15.45 0.84
C PRO F 126 -43.14 14.99 -0.61
N VAL F 127 -43.76 15.78 -1.47
CA VAL F 127 -43.82 15.54 -2.90
C VAL F 127 -42.89 16.57 -3.51
N ASN F 128 -43.06 17.81 -3.08
CA ASN F 128 -42.19 18.91 -3.53
C ASN F 128 -40.95 18.82 -2.64
N ASP F 129 -40.02 19.75 -2.78
CA ASP F 129 -38.80 19.72 -1.99
C ASP F 129 -39.10 19.95 -0.50
N MET F 130 -40.19 20.67 -0.22
CA MET F 130 -40.62 20.98 1.15
C MET F 130 -42.13 21.07 1.19
N ASN F 131 -42.71 20.88 2.37
CA ASN F 131 -44.15 21.03 2.53
C ASN F 131 -44.42 22.42 3.04
N ILE F 132 -45.69 22.80 3.00
CA ILE F 132 -46.13 24.08 3.52
C ILE F 132 -45.68 24.03 4.98
N ALA F 133 -45.27 25.16 5.54
CA ALA F 133 -44.79 25.21 6.92
C ALA F 133 -45.92 25.37 7.93
N SER F 134 -45.69 24.93 9.16
CA SER F 134 -46.68 25.02 10.21
C SER F 134 -46.00 25.32 11.54
N GLY F 135 -46.72 25.99 12.45
CA GLY F 135 -46.12 26.32 13.72
C GLY F 135 -46.86 27.33 14.56
N CYS F 136 -46.14 28.33 15.05
CA CYS F 136 -46.71 29.33 15.94
C CYS F 136 -46.65 30.75 15.36
N PRO F 137 -47.77 31.23 14.78
CA PRO F 137 -47.83 32.58 14.19
C PRO F 137 -47.64 33.66 15.25
N LEU F 138 -48.16 33.39 16.44
CA LEU F 138 -48.08 34.34 17.55
C LEU F 138 -47.05 33.84 18.57
N PHE F 139 -45.90 33.41 18.07
CA PHE F 139 -44.87 32.88 18.94
C PHE F 139 -44.37 33.84 20.02
N CYS F 140 -44.08 35.08 19.61
CA CYS F 140 -43.53 36.07 20.53
C CYS F 140 -43.84 37.50 20.08
N PRO F 141 -44.30 38.35 21.00
CA PRO F 141 -44.61 39.75 20.65
C PRO F 141 -43.30 40.43 20.24
N VAL F 142 -43.35 41.23 19.18
CA VAL F 142 -42.17 41.95 18.71
C VAL F 142 -41.57 42.84 19.79
N SER F 143 -42.43 43.37 20.65
CA SER F 143 -42.00 44.25 21.73
C SER F 143 -41.10 43.51 22.69
N LYS F 144 -41.53 42.33 23.12
CA LYS F 144 -40.76 41.53 24.06
C LYS F 144 -39.31 41.47 23.59
N MET F 145 -38.99 40.50 22.74
CA MET F 145 -37.62 40.43 22.25
C MET F 145 -37.46 41.62 21.31
N GLU F 146 -36.47 41.55 20.43
CA GLU F 146 -36.23 42.62 19.47
C GLU F 146 -36.00 43.99 20.09
N ALA F 147 -37.08 44.64 20.49
CA ALA F 147 -37.05 45.98 21.09
C ALA F 147 -35.95 46.22 22.12
N LYS F 148 -35.29 45.13 22.53
CA LYS F 148 -34.19 45.17 23.50
C LYS F 148 -34.18 43.87 24.31
N ASN F 149 -34.40 44.01 25.61
CA ASN F 149 -34.41 42.86 26.50
C ASN F 149 -33.12 42.06 26.32
N SER F 150 -33.12 40.82 26.79
CA SER F 150 -31.93 40.00 26.69
C SER F 150 -31.96 38.90 25.63
N TYR F 151 -32.85 39.01 24.65
CA TYR F 151 -32.92 38.00 23.60
C TYR F 151 -31.95 38.35 22.47
N VAL F 152 -31.80 39.64 22.21
CA VAL F 152 -30.88 40.09 21.17
C VAL F 152 -29.62 40.61 21.85
N ARG F 153 -28.48 39.98 21.54
CA ARG F 153 -27.23 40.41 22.13
C ARG F 153 -26.14 40.39 21.06
N ASP F 154 -25.38 41.48 20.98
CA ASP F 154 -24.33 41.61 19.99
C ASP F 154 -24.90 41.35 18.60
N ASP F 155 -26.09 41.88 18.37
CA ASP F 155 -26.81 41.81 17.11
C ASP F 155 -27.13 40.40 16.59
N ALA F 156 -27.50 39.49 17.50
CA ALA F 156 -27.85 38.13 17.11
C ALA F 156 -28.81 37.50 18.11
N ILE F 157 -29.62 36.55 17.63
CA ILE F 157 -30.54 35.84 18.51
C ILE F 157 -30.35 34.34 18.26
N PHE F 158 -30.79 33.53 19.21
CA PHE F 158 -30.71 32.09 19.06
C PHE F 158 -32.08 31.46 19.14
N ILE F 159 -32.44 30.73 18.09
CA ILE F 159 -33.72 30.04 18.02
C ILE F 159 -33.40 28.57 18.26
N LYS F 160 -34.17 27.91 19.11
CA LYS F 160 -33.94 26.50 19.38
C LYS F 160 -35.17 25.66 19.14
N ALA F 161 -34.96 24.48 18.58
CA ALA F 161 -36.05 23.57 18.29
C ALA F 161 -35.73 22.19 18.85
N ILE F 162 -36.74 21.55 19.42
CA ILE F 162 -36.59 20.22 19.98
C ILE F 162 -37.74 19.37 19.48
N VAL F 163 -37.43 18.39 18.64
CA VAL F 163 -38.45 17.49 18.12
C VAL F 163 -38.53 16.28 19.03
N ASP F 164 -39.70 16.07 19.63
CA ASP F 164 -39.90 14.94 20.53
C ASP F 164 -39.77 13.67 19.70
N LEU F 165 -38.98 12.72 20.19
CA LEU F 165 -38.72 11.49 19.45
C LEU F 165 -39.53 10.28 19.92
N THR F 166 -40.54 10.53 20.74
CA THR F 166 -41.38 9.43 21.23
C THR F 166 -41.93 8.61 20.07
N GLY F 167 -41.74 7.30 20.14
CA GLY F 167 -42.24 6.42 19.10
C GLY F 167 -41.31 6.22 17.93
N LEU F 168 -40.14 6.86 17.95
CA LEU F 168 -39.18 6.72 16.87
C LEU F 168 -37.97 5.90 17.33
C ACE G 1 -24.85 -17.47 13.09
O ACE G 1 -24.22 -18.35 13.66
CH3 ACE G 1 -25.64 -16.46 13.87
N MET G 2 -24.85 -17.27 11.79
CA MET G 2 -24.12 -18.15 10.88
C MET G 2 -22.68 -17.72 10.81
N LEU G 3 -21.81 -18.73 10.74
CA LEU G 3 -20.38 -18.47 10.63
C LEU G 3 -20.19 -17.76 9.29
N SER G 4 -19.54 -16.61 9.29
CA SER G 4 -19.33 -15.85 8.05
C SER G 4 -18.66 -16.68 6.96
N VAL G 5 -18.96 -16.34 5.71
CA VAL G 5 -18.40 -17.05 4.55
C VAL G 5 -17.75 -16.01 3.65
N GLU G 6 -16.50 -16.25 3.26
CA GLU G 6 -15.78 -15.31 2.41
C GLU G 6 -16.35 -15.16 1.01
N GLU G 7 -16.18 -13.97 0.43
CA GLU G 7 -16.65 -13.74 -0.93
C GLU G 7 -15.62 -14.44 -1.82
N GLU G 8 -16.07 -15.00 -2.93
CA GLU G 8 -15.15 -15.69 -3.84
C GLU G 8 -14.58 -14.77 -4.91
N GLY G 9 -15.41 -13.87 -5.43
CA GLY G 9 -14.94 -12.95 -6.43
C GLY G 9 -13.86 -12.04 -5.89
C ACE H 1 -6.37 17.35 40.53
O ACE H 1 -6.52 17.87 41.62
CH3 ACE H 1 -7.29 16.27 40.02
N MET H 2 -5.47 17.71 39.64
CA MET H 2 -4.48 18.76 39.90
C MET H 2 -4.95 20.07 39.36
N LEU H 3 -4.72 21.10 40.17
CA LEU H 3 -5.09 22.45 39.77
C LEU H 3 -4.29 22.72 38.48
N SER H 4 -4.99 23.15 37.44
CA SER H 4 -4.33 23.40 36.15
C SER H 4 -3.23 24.44 36.25
N VAL H 5 -2.23 24.31 35.39
CA VAL H 5 -1.08 25.24 35.36
C VAL H 5 -0.96 25.81 33.96
N GLU H 6 -0.87 27.14 33.86
CA GLU H 6 -0.77 27.80 32.57
C GLU H 6 0.51 27.50 31.80
N GLU H 7 0.43 27.56 30.47
CA GLU H 7 1.63 27.31 29.66
C GLU H 7 2.41 28.62 29.73
N GLU H 8 3.73 28.54 29.78
CA GLU H 8 4.54 29.75 29.85
C GLU H 8 4.86 30.31 28.47
N GLY H 9 5.20 29.43 27.53
CA GLY H 9 5.51 29.86 26.19
C GLY H 9 4.33 30.60 25.57
C ACE I 1 -50.42 22.18 22.20
O ACE I 1 -51.46 21.53 22.13
CH3 ACE I 1 -49.25 21.71 23.02
N MET I 2 -50.17 23.31 21.54
CA MET I 2 -51.16 23.91 20.66
C MET I 2 -51.15 23.21 19.33
N LEU I 3 -52.35 23.09 18.77
CA LEU I 3 -52.51 22.48 17.45
C LEU I 3 -51.77 23.41 16.48
N SER I 4 -50.87 22.86 15.66
CA SER I 4 -50.10 23.70 14.73
C SER I 4 -50.97 24.54 13.81
N VAL I 5 -50.43 25.69 13.40
CA VAL I 5 -51.16 26.58 12.49
C VAL I 5 -50.27 26.85 11.28
N GLU I 6 -50.81 26.68 10.08
CA GLU I 6 -50.04 26.88 8.86
C GLU I 6 -49.63 28.33 8.64
N GLU I 7 -48.50 28.53 7.97
CA GLU I 7 -48.04 29.88 7.67
C GLU I 7 -48.92 30.32 6.49
N GLU I 8 -49.30 31.59 6.45
CA GLU I 8 -50.12 32.07 5.35
C GLU I 8 -49.27 32.54 4.17
N GLY I 9 -48.18 33.24 4.46
CA GLY I 9 -47.30 33.71 3.40
C GLY I 9 -46.82 32.56 2.54
#